data_2DEU
#
_entry.id   2DEU
#
_cell.length_a   238.055
_cell.length_b   102.133
_cell.length_c   108.158
_cell.angle_alpha   90.00
_cell.angle_beta   117.03
_cell.angle_gamma   90.00
#
_symmetry.space_group_name_H-M   'C 1 2 1'
#
loop_
_entity.id
_entity.type
_entity.pdbx_description
1 polymer tRNA
2 polymer 'tRNA-specific 2-thiouridylase mnmA'
3 non-polymer 'ADENOSINE MONOPHOSPHATE'
4 non-polymer 'SULFATE ION'
#
loop_
_entity_poly.entity_id
_entity_poly.type
_entity_poly.pdbx_seq_one_letter_code
_entity_poly.pdbx_strand_id
1 'polyribonucleotide' GUCCCCUUCGUCUAGAGGCCCAGGACACCGCCCUUUCACGGCGGUAACAGGGGUUCGAAUCCCCUAGGGGACGCCA C,D
2 'polypeptide(L)'
;MRGSHHHHHHGSMSETAKKVIVGMSGGVDSSVSAWLLQQQGYQVEGLFMKNWEEDDGEEYCTAAADLADAQAVCDKLGIE
LHTVNFAAEYWDNVFELFLAEYKAGRTPNPDILCNKEIKFKAFLEFAAEDLGADYIATGHYVRRADVDGKSRLLRGLDSN
KDQSYFLYTLSHEQIAQSLFPVGELEKPQVRKIAEDLGLVTAKKKDSTGICFIGERKFREFLGRYLPAQPGKIITVDGDE
IGEHQGLMYHTLGQRKGLGIGGTKEGTEEPWYVVDKDVENNILVVAQGHEHPRLMSVGLIAQQLHWVDREPFTGTMRCTV
KTRYRQTDIPCTVKALDDDRIEVIFDEPVAAVTPGQSAVFYNGEVCLGGGIIEQRLPLPV
;
A,B
#
# COMPACT_ATOMS: atom_id res chain seq x y z
N ALA C 17 44.83 -2.92 -33.51
CA ALA C 17 43.88 -1.86 -33.93
C ALA C 17 43.03 -2.30 -35.13
N LYS C 18 42.25 -3.36 -34.94
CA LYS C 18 41.41 -3.90 -36.00
C LYS C 18 40.24 -2.96 -36.28
N LYS C 19 39.55 -3.20 -37.39
CA LYS C 19 38.42 -2.38 -37.76
C LYS C 19 37.16 -2.95 -37.13
N VAL C 20 36.31 -2.07 -36.59
CA VAL C 20 35.06 -2.50 -35.94
C VAL C 20 33.86 -1.69 -36.37
N ILE C 21 32.91 -2.34 -37.03
CA ILE C 21 31.73 -1.62 -37.44
C ILE C 21 30.58 -2.01 -36.52
N VAL C 22 30.19 -1.05 -35.68
CA VAL C 22 29.11 -1.22 -34.71
C VAL C 22 27.79 -0.76 -35.29
N GLY C 23 26.74 -1.53 -35.07
CA GLY C 23 25.46 -1.12 -35.62
C GLY C 23 24.86 0.01 -34.81
N MET C 24 24.98 1.25 -35.28
CA MET C 24 24.40 2.40 -34.56
C MET C 24 22.89 2.44 -34.82
N SER C 25 22.12 2.41 -33.75
CA SER C 25 20.66 2.41 -33.83
C SER C 25 20.08 3.71 -33.29
N GLY C 26 20.91 4.51 -32.64
CA GLY C 26 20.42 5.75 -32.07
C GLY C 26 19.81 5.39 -30.73
N GLY C 27 20.15 4.19 -30.25
CA GLY C 27 19.66 3.71 -28.97
C GLY C 27 20.70 3.96 -27.90
N VAL C 28 20.26 4.09 -26.66
CA VAL C 28 21.18 4.36 -25.57
C VAL C 28 22.25 3.30 -25.57
N ASP C 29 21.85 2.05 -25.66
CA ASP C 29 22.79 0.94 -25.64
C ASP C 29 23.92 1.21 -26.64
N SER C 30 23.67 0.88 -27.91
CA SER C 30 24.64 1.08 -28.99
C SER C 30 25.71 2.11 -28.65
N SER C 31 25.29 3.38 -28.55
CA SER C 31 26.17 4.51 -28.22
C SER C 31 27.25 4.15 -27.20
N VAL C 32 26.85 3.99 -25.94
CA VAL C 32 27.79 3.59 -24.92
C VAL C 32 28.66 2.47 -25.50
N SER C 33 28.02 1.50 -26.14
CA SER C 33 28.70 0.35 -26.75
C SER C 33 29.86 0.68 -27.72
N ALA C 34 29.71 1.72 -28.51
CA ALA C 34 30.76 2.11 -29.47
C ALA C 34 31.86 2.77 -28.67
N TRP C 35 31.49 3.82 -27.94
CA TRP C 35 32.41 4.56 -27.10
C TRP C 35 33.26 3.63 -26.25
N LEU C 36 32.74 2.44 -25.94
CA LEU C 36 33.48 1.47 -25.13
C LEU C 36 34.57 0.79 -25.93
N LEU C 37 34.33 0.61 -27.23
CA LEU C 37 35.32 0.00 -28.08
C LEU C 37 36.29 1.11 -28.35
N GLN C 38 35.77 2.25 -28.78
CA GLN C 38 36.59 3.42 -29.04
C GLN C 38 37.66 3.48 -27.95
N GLN C 39 37.21 3.51 -26.70
CA GLN C 39 38.14 3.55 -25.59
C GLN C 39 39.02 2.31 -25.62
N GLN C 40 38.38 1.16 -25.72
CA GLN C 40 39.06 -0.14 -25.75
C GLN C 40 40.17 -0.18 -26.82
N GLY C 41 40.33 0.89 -27.59
CA GLY C 41 41.37 0.90 -28.60
C GLY C 41 40.82 0.94 -30.01
N TYR C 42 40.33 -0.21 -30.47
CA TYR C 42 39.74 -0.41 -31.81
C TYR C 42 39.46 0.77 -32.73
N GLN C 43 39.58 0.52 -34.02
CA GLN C 43 39.25 1.53 -35.01
C GLN C 43 37.74 1.35 -35.01
N VAL C 44 37.00 2.42 -34.80
CA VAL C 44 35.55 2.28 -34.71
C VAL C 44 34.69 3.09 -35.65
N GLU C 45 34.01 2.41 -36.57
CA GLU C 45 33.11 3.06 -37.51
C GLU C 45 31.78 2.41 -37.26
N GLY C 46 30.70 3.15 -37.46
CA GLY C 46 29.39 2.61 -37.23
C GLY C 46 28.50 2.73 -38.45
N LEU C 47 27.57 1.79 -38.58
CA LEU C 47 26.65 1.78 -39.71
C LEU C 47 25.22 1.81 -39.18
N PHE C 48 24.32 2.48 -39.89
CA PHE C 48 22.93 2.56 -39.48
C PHE C 48 22.03 1.99 -40.55
N MET C 49 21.44 0.85 -40.28
CA MET C 49 20.56 0.20 -41.25
C MET C 49 19.18 0.84 -41.32
N LYS C 50 18.64 0.96 -42.52
CA LYS C 50 17.30 1.49 -42.70
C LYS C 50 16.64 0.30 -43.38
N ASN C 51 15.91 -0.51 -42.63
CA ASN C 51 15.33 -1.71 -43.20
C ASN C 51 13.81 -1.87 -43.32
N TRP C 52 13.08 -0.78 -43.14
CA TRP C 52 11.64 -0.85 -43.26
C TRP C 52 11.06 0.40 -43.87
N GLU C 53 10.33 0.22 -44.98
CA GLU C 53 9.71 1.32 -45.69
C GLU C 53 8.37 1.74 -45.12
N GLU C 54 8.42 2.47 -44.00
CA GLU C 54 7.25 2.97 -43.30
C GLU C 54 6.17 3.43 -44.27
N ASP C 55 4.92 3.10 -43.95
CA ASP C 55 3.81 3.49 -44.80
C ASP C 55 3.38 4.91 -44.42
N ASP C 56 3.16 5.12 -43.12
CA ASP C 56 2.75 6.43 -42.60
C ASP C 56 3.87 7.45 -42.53
N GLY C 57 3.56 8.60 -41.93
CA GLY C 57 4.54 9.66 -41.77
C GLY C 57 4.87 9.76 -40.30
N GLU C 58 3.83 9.73 -39.46
CA GLU C 58 4.01 9.78 -38.01
C GLU C 58 5.04 8.70 -37.68
N GLU C 59 5.11 7.69 -38.53
CA GLU C 59 6.04 6.58 -38.36
C GLU C 59 7.42 6.94 -38.91
N TYR C 60 7.45 7.54 -40.09
CA TYR C 60 8.72 7.93 -40.69
C TYR C 60 9.57 8.70 -39.69
N CYS C 61 9.35 10.00 -39.63
CA CYS C 61 10.10 10.87 -38.72
C CYS C 61 10.59 10.09 -37.52
N THR C 62 9.67 9.45 -36.81
CA THR C 62 10.03 8.69 -35.63
C THR C 62 11.31 7.90 -35.82
N ALA C 63 11.40 7.23 -36.97
CA ALA C 63 12.58 6.42 -37.30
C ALA C 63 13.57 7.19 -38.16
N ALA C 64 13.14 8.32 -38.70
CA ALA C 64 14.03 9.12 -39.51
C ALA C 64 14.97 9.82 -38.52
N ALA C 65 14.37 10.52 -37.56
CA ALA C 65 15.13 11.23 -36.55
C ALA C 65 15.90 10.25 -35.70
N ASP C 66 15.44 9.01 -35.64
CA ASP C 66 16.12 8.01 -34.85
C ASP C 66 17.53 7.90 -35.41
N LEU C 67 17.71 8.40 -36.62
CA LEU C 67 19.00 8.39 -37.28
C LEU C 67 19.83 9.57 -36.79
N ALA C 68 19.24 10.76 -36.82
CA ALA C 68 19.93 11.97 -36.39
C ALA C 68 20.46 11.78 -34.97
N ASP C 69 19.78 10.92 -34.22
CA ASP C 69 20.18 10.61 -32.86
C ASP C 69 21.40 9.72 -33.02
N ALA C 70 21.30 8.79 -33.95
CA ALA C 70 22.40 7.87 -34.23
C ALA C 70 23.65 8.64 -34.62
N GLN C 71 23.53 9.42 -35.68
CA GLN C 71 24.65 10.21 -36.18
C GLN C 71 25.24 11.09 -35.07
N ALA C 72 24.45 12.04 -34.61
CA ALA C 72 24.86 12.98 -33.56
C ALA C 72 25.65 12.35 -32.42
N VAL C 73 25.66 11.03 -32.34
CA VAL C 73 26.43 10.37 -31.29
C VAL C 73 27.76 9.99 -31.88
N CYS C 74 27.75 9.59 -33.14
CA CYS C 74 28.97 9.20 -33.82
C CYS C 74 29.84 10.44 -33.97
N ASP C 75 29.18 11.59 -34.14
CA ASP C 75 29.89 12.84 -34.29
C ASP C 75 30.47 13.26 -32.93
N LYS C 76 29.63 13.24 -31.91
CA LYS C 76 30.07 13.61 -30.57
C LYS C 76 31.17 12.65 -30.12
N LEU C 77 31.29 11.53 -30.81
CA LEU C 77 32.31 10.53 -30.51
C LEU C 77 33.46 10.66 -31.49
N GLY C 78 33.16 11.16 -32.69
CA GLY C 78 34.18 11.31 -33.71
C GLY C 78 34.30 10.00 -34.49
N ILE C 79 33.22 9.62 -35.13
CA ILE C 79 33.16 8.38 -35.89
C ILE C 79 32.33 8.59 -37.16
N GLU C 80 32.68 7.88 -38.23
CA GLU C 80 31.95 8.01 -39.48
C GLU C 80 30.71 7.12 -39.39
N LEU C 81 29.58 7.63 -39.87
CA LEU C 81 28.36 6.84 -39.84
C LEU C 81 27.94 6.42 -41.24
N HIS C 82 27.86 5.10 -41.47
CA HIS C 82 27.48 4.53 -42.77
C HIS C 82 26.01 4.17 -42.93
N THR C 83 25.41 4.60 -44.03
CA THR C 83 24.02 4.29 -44.30
C THR C 83 23.99 3.04 -45.14
N VAL C 84 22.94 2.24 -44.97
CA VAL C 84 22.76 1.00 -45.72
C VAL C 84 21.26 0.72 -45.79
N ASN C 85 20.85 -0.03 -46.80
CA ASN C 85 19.44 -0.32 -46.92
C ASN C 85 19.18 -1.77 -47.26
N PHE C 86 19.11 -2.58 -46.21
CA PHE C 86 18.86 -3.99 -46.34
C PHE C 86 17.35 -4.24 -46.32
N ALA C 87 16.57 -3.15 -46.22
CA ALA C 87 15.11 -3.27 -46.19
C ALA C 87 14.67 -4.29 -47.21
N ALA C 88 15.37 -4.31 -48.34
CA ALA C 88 15.08 -5.24 -49.40
C ALA C 88 15.02 -6.66 -48.83
N GLU C 89 16.09 -7.09 -48.18
CA GLU C 89 16.15 -8.42 -47.61
C GLU C 89 15.35 -8.59 -46.32
N TYR C 90 15.09 -7.50 -45.62
CA TYR C 90 14.32 -7.62 -44.39
C TYR C 90 13.03 -8.33 -44.74
N TRP C 91 12.29 -7.72 -45.66
CA TRP C 91 11.03 -8.28 -46.09
C TRP C 91 11.27 -9.66 -46.67
N ASP C 92 12.17 -9.71 -47.63
CA ASP C 92 12.53 -10.96 -48.29
C ASP C 92 12.71 -12.16 -47.36
N ASN C 93 13.64 -12.04 -46.42
CA ASN C 93 13.94 -13.15 -45.51
C ASN C 93 13.33 -13.12 -44.13
N VAL C 94 12.56 -12.09 -43.80
CA VAL C 94 11.97 -11.99 -42.47
C VAL C 94 10.47 -11.67 -42.41
N PHE C 95 10.12 -10.41 -42.60
CA PHE C 95 8.72 -10.03 -42.52
C PHE C 95 7.79 -10.91 -43.35
N GLU C 96 8.33 -11.51 -44.40
CA GLU C 96 7.54 -12.37 -45.27
C GLU C 96 7.16 -13.63 -44.52
N LEU C 97 8.16 -14.37 -44.06
CA LEU C 97 7.91 -15.60 -43.32
C LEU C 97 7.13 -15.22 -42.08
N PHE C 98 7.30 -13.97 -41.64
CA PHE C 98 6.60 -13.44 -40.47
C PHE C 98 5.12 -13.64 -40.71
N LEU C 99 4.58 -12.88 -41.66
CA LEU C 99 3.16 -12.96 -42.01
C LEU C 99 2.69 -14.37 -42.32
N ALA C 100 3.58 -15.17 -42.88
CA ALA C 100 3.28 -16.54 -43.22
C ALA C 100 2.75 -17.31 -42.01
N GLU C 101 3.68 -17.78 -41.18
CA GLU C 101 3.30 -18.52 -40.00
C GLU C 101 2.19 -17.89 -39.18
N TYR C 102 1.99 -16.58 -39.32
CA TYR C 102 0.91 -15.95 -38.57
C TYR C 102 -0.40 -16.37 -39.20
N LYS C 103 -0.48 -16.22 -40.52
CA LYS C 103 -1.67 -16.60 -41.27
C LYS C 103 -2.08 -18.01 -40.86
N ALA C 104 -1.08 -18.85 -40.62
CA ALA C 104 -1.28 -20.23 -40.23
C ALA C 104 -1.67 -20.37 -38.76
N GLY C 105 -2.12 -19.27 -38.16
CA GLY C 105 -2.53 -19.29 -36.78
C GLY C 105 -1.47 -19.78 -35.82
N ARG C 106 -0.30 -19.16 -35.89
CA ARG C 106 0.81 -19.48 -34.99
C ARG C 106 1.43 -18.16 -34.61
N THR C 107 2.26 -18.18 -33.58
CA THR C 107 2.89 -16.97 -33.10
C THR C 107 4.39 -17.00 -33.38
N PRO C 108 4.83 -16.26 -34.40
CA PRO C 108 6.22 -16.13 -34.86
C PRO C 108 6.97 -14.99 -34.18
N ASN C 109 8.28 -15.15 -34.04
CA ASN C 109 9.09 -14.12 -33.40
C ASN C 109 9.93 -13.39 -34.44
N PRO C 110 9.33 -12.44 -35.16
CA PRO C 110 10.10 -11.72 -36.18
C PRO C 110 11.52 -11.48 -35.70
N ASP C 111 11.65 -10.65 -34.69
CA ASP C 111 12.95 -10.34 -34.11
C ASP C 111 13.92 -11.53 -34.12
N ILE C 112 13.43 -12.72 -33.80
CA ILE C 112 14.32 -13.87 -33.75
C ILE C 112 15.05 -14.19 -35.06
N LEU C 113 14.56 -13.65 -36.16
CA LEU C 113 15.18 -13.84 -37.47
C LEU C 113 15.84 -12.53 -37.84
N CYS C 114 15.35 -11.46 -37.23
CA CYS C 114 15.88 -10.13 -37.48
C CYS C 114 17.36 -10.19 -37.20
N ASN C 115 17.76 -11.17 -36.39
CA ASN C 115 19.17 -11.32 -36.07
C ASN C 115 19.84 -12.38 -36.93
N LYS C 116 19.07 -13.41 -37.28
CA LYS C 116 19.58 -14.53 -38.08
C LYS C 116 19.77 -14.20 -39.56
N GLU C 117 18.90 -13.37 -40.10
CA GLU C 117 18.97 -13.05 -41.52
C GLU C 117 19.58 -11.67 -41.80
N ILE C 118 19.68 -10.84 -40.79
CA ILE C 118 20.26 -9.53 -41.02
C ILE C 118 21.39 -9.16 -40.07
N LYS C 119 21.05 -8.60 -38.93
CA LYS C 119 22.08 -8.19 -37.99
C LYS C 119 23.29 -9.14 -37.83
N PHE C 120 23.21 -10.36 -38.35
CA PHE C 120 24.34 -11.28 -38.24
C PHE C 120 24.64 -12.08 -39.48
N LYS C 121 24.28 -11.50 -40.62
CA LYS C 121 24.49 -12.09 -41.93
C LYS C 121 24.49 -10.90 -42.88
N ALA C 122 23.30 -10.49 -43.34
CA ALA C 122 23.17 -9.36 -44.23
C ALA C 122 24.18 -8.27 -43.85
N PHE C 123 24.15 -7.85 -42.59
CA PHE C 123 25.07 -6.85 -42.06
C PHE C 123 26.47 -7.45 -42.18
N LEU C 124 26.79 -8.33 -41.24
CA LEU C 124 28.09 -9.02 -41.19
C LEU C 124 28.75 -9.16 -42.57
N GLU C 125 27.96 -9.56 -43.56
CA GLU C 125 28.45 -9.71 -44.92
C GLU C 125 28.99 -8.34 -45.35
N PHE C 126 28.08 -7.40 -45.54
CA PHE C 126 28.40 -6.04 -45.95
C PHE C 126 29.46 -5.37 -45.09
N ALA C 127 29.94 -6.05 -44.05
CA ALA C 127 30.95 -5.48 -43.18
C ALA C 127 32.29 -5.49 -43.89
N ALA C 128 32.64 -6.66 -44.43
CA ALA C 128 33.90 -6.85 -45.14
C ALA C 128 33.79 -6.70 -46.66
N GLU C 129 32.66 -7.10 -47.23
CA GLU C 129 32.49 -6.98 -48.67
C GLU C 129 32.57 -5.52 -49.11
N ASP C 130 32.26 -4.60 -48.19
CA ASP C 130 32.30 -3.17 -48.46
C ASP C 130 33.08 -2.43 -47.39
N LEU C 131 32.40 -2.13 -46.28
CA LEU C 131 33.00 -1.40 -45.17
C LEU C 131 34.39 -1.90 -44.81
N GLY C 132 34.68 -3.14 -45.19
CA GLY C 132 35.98 -3.71 -44.93
C GLY C 132 36.48 -3.61 -43.49
N ALA C 133 35.95 -4.47 -42.64
CA ALA C 133 36.33 -4.49 -41.24
C ALA C 133 36.54 -5.93 -40.85
N ASP C 134 37.07 -6.15 -39.66
CA ASP C 134 37.29 -7.51 -39.19
C ASP C 134 36.68 -7.80 -37.82
N TYR C 135 35.55 -7.15 -37.54
CA TYR C 135 34.80 -7.30 -36.29
C TYR C 135 33.51 -6.48 -36.31
N ILE C 136 32.38 -7.17 -36.28
CA ILE C 136 31.08 -6.49 -36.25
C ILE C 136 30.67 -6.40 -34.77
N ALA C 137 29.94 -5.35 -34.41
CA ALA C 137 29.50 -5.22 -33.03
C ALA C 137 28.10 -4.63 -32.90
N THR C 138 27.21 -5.39 -32.27
CA THR C 138 25.86 -4.91 -32.04
C THR C 138 25.90 -4.48 -30.59
N GLY C 139 24.81 -3.89 -30.12
CA GLY C 139 24.75 -3.48 -28.74
C GLY C 139 23.97 -4.53 -27.96
N HIS C 140 23.81 -5.71 -28.52
CA HIS C 140 23.06 -6.75 -27.85
C HIS C 140 23.62 -7.04 -26.47
N TYR C 141 22.80 -6.82 -25.46
CA TYR C 141 23.25 -7.06 -24.12
C TYR C 141 23.34 -8.56 -23.91
N VAL C 142 24.46 -9.10 -24.38
CA VAL C 142 24.81 -10.52 -24.28
C VAL C 142 26.33 -10.52 -24.29
N ARG C 143 26.97 -11.66 -24.10
CA ARG C 143 28.44 -11.68 -24.10
C ARG C 143 29.02 -12.81 -24.93
N ARG C 144 30.29 -12.64 -25.29
CA ARG C 144 31.01 -13.64 -26.08
C ARG C 144 32.25 -14.07 -25.33
N ALA C 145 32.44 -15.39 -25.24
CA ALA C 145 33.59 -15.94 -24.55
C ALA C 145 34.10 -17.13 -25.35
N ASP C 146 35.31 -17.00 -25.87
CA ASP C 146 35.93 -18.04 -26.66
C ASP C 146 36.67 -18.99 -25.74
N VAL C 147 36.56 -20.29 -26.01
CA VAL C 147 37.24 -21.28 -25.19
C VAL C 147 37.52 -22.53 -26.03
N ASP C 148 38.58 -23.24 -25.67
CA ASP C 148 38.97 -24.46 -26.39
C ASP C 148 38.84 -24.29 -27.91
N GLY C 149 39.08 -23.08 -28.38
CA GLY C 149 39.02 -22.80 -29.82
C GLY C 149 37.67 -22.53 -30.43
N LYS C 150 36.59 -22.69 -29.67
CA LYS C 150 35.26 -22.45 -30.19
C LYS C 150 34.59 -21.25 -29.52
N SER C 151 34.21 -20.27 -30.34
CA SER C 151 33.57 -19.05 -29.87
C SER C 151 32.21 -19.41 -29.28
N ARG C 152 31.96 -19.05 -28.02
CA ARG C 152 30.69 -19.37 -27.36
C ARG C 152 29.79 -18.20 -27.00
N LEU C 153 28.48 -18.44 -27.09
CA LEU C 153 27.48 -17.43 -26.76
C LEU C 153 27.08 -17.53 -25.30
N LEU C 154 26.72 -16.40 -24.71
CA LEU C 154 26.29 -16.41 -23.32
C LEU C 154 25.78 -15.08 -22.84
N ARG C 155 24.63 -15.13 -22.17
CA ARG C 155 23.93 -13.97 -21.63
C ARG C 155 24.82 -13.15 -20.72
N GLY C 156 24.61 -11.84 -20.72
CA GLY C 156 25.41 -10.95 -19.91
C GLY C 156 25.01 -10.86 -18.45
N LEU C 157 25.62 -9.91 -17.74
CA LEU C 157 25.28 -9.73 -16.35
C LEU C 157 23.92 -9.04 -16.32
N ASP C 158 23.53 -8.47 -15.18
CA ASP C 158 22.24 -7.82 -15.07
C ASP C 158 21.17 -8.82 -15.49
N SER C 159 21.45 -10.09 -15.22
CA SER C 159 20.57 -11.21 -15.53
C SER C 159 19.20 -10.77 -16.01
N ASN C 160 18.40 -10.23 -15.10
CA ASN C 160 17.06 -9.78 -15.43
C ASN C 160 17.00 -9.26 -16.88
N LYS C 161 17.65 -8.12 -17.12
CA LYS C 161 17.66 -7.53 -18.46
C LYS C 161 18.78 -8.18 -19.27
N ASP C 162 18.43 -8.92 -20.32
CA ASP C 162 19.41 -9.62 -21.16
C ASP C 162 18.75 -10.14 -22.43
N GLN C 163 19.53 -10.28 -23.50
CA GLN C 163 18.95 -10.73 -24.76
C GLN C 163 19.44 -12.03 -25.42
N SER C 164 20.14 -12.86 -24.64
CA SER C 164 20.63 -14.13 -25.16
C SER C 164 19.60 -14.87 -26.02
N TYR C 165 18.35 -14.86 -25.57
CA TYR C 165 17.24 -15.52 -26.27
C TYR C 165 17.16 -15.19 -27.76
N PHE C 166 17.28 -13.92 -28.11
CA PHE C 166 17.15 -13.52 -29.50
C PHE C 166 18.27 -13.96 -30.44
N LEU C 167 19.33 -14.53 -29.90
CA LEU C 167 20.44 -14.94 -30.73
C LEU C 167 20.77 -16.42 -30.74
N TYR C 168 19.78 -17.30 -30.54
CA TYR C 168 20.09 -18.72 -30.52
C TYR C 168 20.44 -19.23 -31.90
N THR C 169 20.06 -18.45 -32.91
CA THR C 169 20.35 -18.83 -34.27
C THR C 169 21.84 -18.70 -34.61
N LEU C 170 22.52 -17.73 -34.02
CA LEU C 170 23.94 -17.53 -34.28
C LEU C 170 24.79 -18.79 -34.07
N SER C 171 25.95 -18.78 -34.73
CA SER C 171 26.89 -19.89 -34.66
C SER C 171 28.19 -19.36 -34.08
N HIS C 172 29.10 -20.25 -33.70
CA HIS C 172 30.36 -19.78 -33.16
C HIS C 172 31.00 -18.87 -34.19
N GLU C 173 31.07 -19.34 -35.43
CA GLU C 173 31.65 -18.54 -36.50
C GLU C 173 31.13 -17.10 -36.39
N GLN C 174 29.87 -16.90 -36.74
CA GLN C 174 29.26 -15.58 -36.70
C GLN C 174 29.62 -14.82 -35.42
N ILE C 175 29.36 -15.44 -34.28
CA ILE C 175 29.64 -14.81 -33.00
C ILE C 175 31.08 -14.36 -32.93
N ALA C 176 31.98 -15.31 -33.12
CA ALA C 176 33.41 -15.05 -33.09
C ALA C 176 33.79 -13.79 -33.82
N GLN C 177 33.21 -13.57 -35.00
CA GLN C 177 33.52 -12.37 -35.77
C GLN C 177 32.78 -11.14 -35.27
N SER C 178 32.00 -11.31 -34.21
CA SER C 178 31.24 -10.22 -33.63
C SER C 178 31.79 -9.80 -32.28
N LEU C 179 31.49 -8.56 -31.91
CA LEU C 179 31.93 -7.99 -30.64
C LEU C 179 30.73 -7.46 -29.87
N PHE C 180 30.62 -7.89 -28.62
CA PHE C 180 29.53 -7.51 -27.71
C PHE C 180 30.11 -6.78 -26.49
N PRO C 181 30.25 -5.46 -26.57
CA PRO C 181 30.82 -4.64 -25.50
C PRO C 181 30.06 -4.51 -24.19
N VAL C 182 28.85 -3.96 -24.27
CA VAL C 182 28.02 -3.71 -23.10
C VAL C 182 27.56 -4.91 -22.33
N GLY C 183 27.42 -6.04 -23.02
CA GLY C 183 26.98 -7.24 -22.32
C GLY C 183 27.78 -7.49 -21.05
N GLU C 184 28.85 -6.72 -20.87
CA GLU C 184 29.69 -6.86 -19.69
C GLU C 184 29.24 -5.93 -18.58
N LEU C 185 28.75 -4.75 -18.97
CA LEU C 185 28.28 -3.77 -18.01
C LEU C 185 26.98 -4.23 -17.35
N GLU C 186 26.26 -3.26 -16.78
CA GLU C 186 24.98 -3.49 -16.13
C GLU C 186 24.12 -2.32 -16.58
N LYS C 187 22.99 -2.64 -17.20
CA LYS C 187 22.09 -1.64 -17.76
C LYS C 187 22.08 -0.22 -17.17
N PRO C 188 21.96 -0.11 -15.85
CA PRO C 188 21.96 1.24 -15.30
C PRO C 188 23.22 2.00 -15.66
N GLN C 189 24.36 1.29 -15.63
CA GLN C 189 25.66 1.90 -15.95
C GLN C 189 25.63 2.44 -17.35
N VAL C 190 25.36 1.55 -18.27
CA VAL C 190 25.27 1.91 -19.66
C VAL C 190 24.45 3.20 -19.83
N ARG C 191 23.18 3.13 -19.43
CA ARG C 191 22.28 4.27 -19.58
C ARG C 191 22.86 5.52 -18.92
N LYS C 192 23.94 5.36 -18.17
CA LYS C 192 24.58 6.50 -17.52
C LYS C 192 25.83 6.97 -18.25
N ILE C 193 26.76 6.04 -18.48
CA ILE C 193 27.98 6.35 -19.20
C ILE C 193 27.60 7.31 -20.31
N ALA C 194 26.52 6.97 -20.99
CA ALA C 194 26.04 7.78 -22.08
C ALA C 194 25.64 9.16 -21.57
N GLU C 195 24.93 9.20 -20.46
CA GLU C 195 24.49 10.44 -19.89
C GLU C 195 25.69 11.31 -19.52
N ASP C 196 26.76 10.68 -19.06
CA ASP C 196 27.96 11.42 -18.71
C ASP C 196 28.67 11.95 -19.93
N LEU C 197 29.04 11.05 -20.85
CA LEU C 197 29.71 11.44 -22.08
C LEU C 197 28.92 12.59 -22.68
N GLY C 198 27.60 12.44 -22.66
CA GLY C 198 26.71 13.45 -23.20
C GLY C 198 25.95 12.93 -24.40
N LEU C 199 26.23 11.69 -24.80
CA LEU C 199 25.55 11.08 -25.92
C LEU C 199 24.07 11.40 -25.87
N VAL C 200 23.58 12.01 -26.94
CA VAL C 200 22.18 12.41 -27.04
C VAL C 200 21.19 11.28 -26.74
N THR C 201 21.61 10.04 -27.00
CA THR C 201 20.72 8.92 -26.77
C THR C 201 20.34 8.65 -25.31
N ALA C 202 21.26 8.87 -24.36
CA ALA C 202 20.91 8.63 -22.95
C ALA C 202 19.56 9.25 -22.69
N LYS C 203 18.68 8.50 -22.03
CA LYS C 203 17.32 8.96 -21.73
C LYS C 203 16.43 8.75 -22.96
N LYS C 204 16.41 7.52 -23.49
CA LYS C 204 15.59 7.23 -24.67
C LYS C 204 14.89 5.87 -24.58
N LYS C 205 13.58 5.89 -24.77
CA LYS C 205 12.72 4.68 -24.73
C LYS C 205 13.51 3.44 -25.15
N ASP C 206 13.94 2.66 -24.16
CA ASP C 206 14.72 1.47 -24.44
C ASP C 206 14.42 0.78 -25.79
N SER C 207 13.16 0.90 -26.24
CA SER C 207 12.67 0.37 -27.50
C SER C 207 11.80 -0.88 -27.36
N THR C 208 10.79 -0.99 -28.22
CA THR C 208 9.85 -2.11 -28.23
C THR C 208 9.52 -2.51 -29.67
N GLY C 209 8.48 -3.32 -29.83
CA GLY C 209 8.05 -3.74 -31.15
C GLY C 209 9.07 -4.41 -32.04
N ILE C 210 8.55 -5.08 -33.08
CA ILE C 210 9.37 -5.77 -34.06
C ILE C 210 10.63 -4.96 -34.30
N CYS C 211 11.76 -5.64 -34.37
CA CYS C 211 13.02 -4.95 -34.60
C CYS C 211 12.94 -4.29 -35.95
N PHE C 212 13.35 -3.03 -36.00
CA PHE C 212 13.33 -2.23 -37.22
C PHE C 212 11.96 -1.61 -37.44
N ILE C 213 10.90 -2.34 -37.12
CA ILE C 213 9.57 -1.79 -37.29
C ILE C 213 9.17 -1.02 -36.03
N GLY C 214 8.23 -0.08 -36.17
CA GLY C 214 7.79 0.73 -35.04
C GLY C 214 7.03 0.05 -33.92
N GLU C 215 7.12 0.63 -32.73
CA GLU C 215 6.45 0.08 -31.55
C GLU C 215 4.93 0.24 -31.62
N ARG C 216 4.40 0.36 -32.83
CA ARG C 216 2.96 0.53 -33.04
C ARG C 216 2.09 -0.54 -32.41
N LYS C 217 0.77 -0.31 -32.39
CA LYS C 217 -0.17 -1.27 -31.82
C LYS C 217 -0.48 -2.36 -32.83
N PHE C 218 -0.19 -3.59 -32.44
CA PHE C 218 -0.37 -4.73 -33.31
C PHE C 218 -1.62 -4.83 -34.16
N ARG C 219 -2.74 -5.18 -33.53
CA ARG C 219 -3.99 -5.32 -34.26
C ARG C 219 -4.09 -4.46 -35.52
N GLU C 220 -3.69 -3.20 -35.44
CA GLU C 220 -3.78 -2.35 -36.62
C GLU C 220 -2.63 -2.65 -37.59
N PHE C 221 -1.48 -3.02 -37.07
CA PHE C 221 -0.36 -3.34 -37.93
C PHE C 221 -0.58 -4.65 -38.64
N LEU C 222 -0.88 -5.70 -37.88
CA LEU C 222 -1.12 -7.03 -38.44
C LEU C 222 -2.39 -7.06 -39.29
N GLY C 223 -3.37 -6.24 -38.90
CA GLY C 223 -4.62 -6.18 -39.63
C GLY C 223 -4.49 -5.30 -40.85
N ARG C 224 -3.27 -5.22 -41.37
CA ARG C 224 -3.00 -4.42 -42.55
C ARG C 224 -2.07 -5.22 -43.44
N TYR C 225 -1.85 -6.47 -43.06
CA TYR C 225 -0.99 -7.37 -43.82
C TYR C 225 -1.68 -8.71 -44.02
N LEU C 226 -2.87 -8.85 -43.44
CA LEU C 226 -3.65 -10.08 -43.55
C LEU C 226 -5.15 -9.71 -43.56
N PRO C 227 -6.03 -10.67 -43.92
CA PRO C 227 -7.47 -10.43 -43.96
C PRO C 227 -8.10 -10.13 -42.60
N ALA C 228 -9.42 -10.36 -42.48
CA ALA C 228 -10.13 -10.11 -41.24
C ALA C 228 -11.51 -10.79 -41.20
N GLN C 229 -11.53 -12.06 -40.81
CA GLN C 229 -12.77 -12.82 -40.74
C GLN C 229 -13.11 -13.26 -39.33
N PRO C 230 -14.21 -12.75 -38.78
CA PRO C 230 -14.67 -13.07 -37.43
C PRO C 230 -14.75 -14.56 -37.16
N GLY C 231 -15.55 -14.93 -36.17
CA GLY C 231 -15.71 -16.33 -35.84
C GLY C 231 -16.41 -16.52 -34.51
N LYS C 232 -16.21 -17.69 -33.90
CA LYS C 232 -16.84 -17.98 -32.61
C LYS C 232 -15.79 -18.27 -31.55
N ILE C 233 -16.17 -18.04 -30.31
CA ILE C 233 -15.28 -18.28 -29.18
C ILE C 233 -15.96 -19.33 -28.31
N ILE C 234 -15.23 -20.38 -27.98
CA ILE C 234 -15.79 -21.44 -27.17
C ILE C 234 -15.04 -21.65 -25.88
N THR C 235 -15.76 -22.11 -24.88
CA THR C 235 -15.19 -22.41 -23.57
C THR C 235 -14.49 -23.73 -23.77
N VAL C 236 -13.91 -24.28 -22.71
CA VAL C 236 -13.26 -25.57 -22.81
C VAL C 236 -14.37 -26.59 -22.70
N ASP C 237 -15.59 -26.08 -22.52
CA ASP C 237 -16.76 -26.94 -22.39
C ASP C 237 -17.65 -26.85 -23.63
N GLY C 238 -17.01 -26.97 -24.78
CA GLY C 238 -17.69 -26.93 -26.06
C GLY C 238 -18.92 -26.06 -26.18
N ASP C 239 -18.95 -24.94 -25.46
CA ASP C 239 -20.12 -24.07 -25.51
C ASP C 239 -19.80 -22.63 -25.88
N GLU C 240 -20.69 -22.04 -26.70
CA GLU C 240 -20.54 -20.65 -27.13
C GLU C 240 -20.23 -19.78 -25.93
N ILE C 241 -19.64 -18.62 -26.19
CA ILE C 241 -19.29 -17.70 -25.10
C ILE C 241 -18.89 -16.33 -25.63
N GLY C 242 -18.15 -16.29 -26.73
CA GLY C 242 -17.73 -15.01 -27.26
C GLY C 242 -17.57 -14.93 -28.76
N GLU C 243 -17.49 -13.71 -29.28
CA GLU C 243 -17.31 -13.50 -30.71
C GLU C 243 -15.84 -13.37 -31.07
N HIS C 244 -15.35 -14.41 -31.74
CA HIS C 244 -13.96 -14.54 -32.17
C HIS C 244 -13.40 -13.51 -33.15
N GLN C 245 -14.16 -12.46 -33.45
CA GLN C 245 -13.71 -11.43 -34.40
C GLN C 245 -12.22 -11.50 -34.73
N GLY C 246 -11.86 -12.22 -35.79
CA GLY C 246 -10.47 -12.39 -36.18
C GLY C 246 -9.94 -13.68 -35.60
N LEU C 247 -8.64 -13.94 -35.66
CA LEU C 247 -8.08 -15.15 -35.07
C LEU C 247 -6.56 -15.10 -34.90
N MET C 248 -5.88 -14.57 -35.92
CA MET C 248 -4.41 -14.45 -35.89
C MET C 248 -4.03 -13.42 -34.82
N TYR C 249 -5.01 -12.58 -34.47
CA TYR C 249 -4.87 -11.52 -33.49
C TYR C 249 -4.67 -12.02 -32.06
N HIS C 250 -4.72 -13.33 -31.88
CA HIS C 250 -4.56 -13.87 -30.55
C HIS C 250 -3.41 -14.87 -30.47
N THR C 251 -3.27 -15.49 -29.30
CA THR C 251 -2.22 -16.45 -29.05
C THR C 251 -2.38 -17.09 -27.69
N LEU C 252 -2.03 -18.37 -27.64
CA LEU C 252 -2.13 -19.14 -26.42
C LEU C 252 -1.68 -18.34 -25.21
N GLY C 253 -2.55 -18.27 -24.22
CA GLY C 253 -2.21 -17.56 -23.01
C GLY C 253 -2.50 -16.08 -23.10
N GLN C 254 -3.12 -15.63 -24.18
CA GLN C 254 -3.43 -14.21 -24.31
C GLN C 254 -4.65 -13.96 -23.44
N ARG C 255 -4.77 -12.74 -22.92
CA ARG C 255 -5.88 -12.41 -22.03
C ARG C 255 -6.76 -11.31 -22.58
N LYS C 256 -6.15 -10.29 -23.13
CA LYS C 256 -6.91 -9.15 -23.66
C LYS C 256 -7.68 -9.43 -24.94
N GLY C 257 -8.64 -8.56 -25.22
CA GLY C 257 -9.44 -8.65 -26.43
C GLY C 257 -10.44 -9.79 -26.57
N LEU C 258 -10.80 -10.45 -25.47
CA LEU C 258 -11.75 -11.54 -25.57
C LEU C 258 -13.16 -11.22 -25.07
N GLY C 259 -13.50 -9.92 -25.05
CA GLY C 259 -14.82 -9.44 -24.62
C GLY C 259 -15.52 -10.00 -23.39
N ILE C 260 -15.28 -11.27 -23.08
CA ILE C 260 -15.89 -11.95 -21.94
C ILE C 260 -15.99 -11.11 -20.68
N GLY C 261 -17.14 -11.19 -20.02
CA GLY C 261 -17.35 -10.44 -18.79
C GLY C 261 -17.91 -11.28 -17.64
N GLY C 262 -17.34 -12.48 -17.45
CA GLY C 262 -17.76 -13.37 -16.38
C GLY C 262 -19.26 -13.68 -16.34
N THR C 263 -19.62 -14.87 -15.86
CA THR C 263 -21.03 -15.24 -15.82
C THR C 263 -21.42 -16.26 -14.75
N LYS C 264 -22.64 -16.10 -14.25
CA LYS C 264 -23.25 -16.95 -13.22
C LYS C 264 -22.35 -17.97 -12.52
N GLU C 265 -21.88 -18.97 -13.26
CA GLU C 265 -21.03 -20.01 -12.69
C GLU C 265 -19.56 -19.89 -13.11
N GLY C 266 -19.00 -18.69 -12.89
CA GLY C 266 -17.62 -18.42 -13.23
C GLY C 266 -16.81 -17.90 -12.06
N THR C 267 -15.65 -18.51 -11.83
CA THR C 267 -14.77 -18.14 -10.72
C THR C 267 -14.27 -16.70 -10.75
N GLU C 268 -14.94 -15.82 -11.48
CA GLU C 268 -14.52 -14.43 -11.56
C GLU C 268 -13.13 -14.26 -12.16
N GLU C 269 -12.42 -15.37 -12.35
CA GLU C 269 -11.08 -15.30 -12.92
C GLU C 269 -11.18 -14.75 -14.33
N PRO C 270 -10.07 -14.22 -14.87
CA PRO C 270 -10.10 -13.68 -16.23
C PRO C 270 -10.01 -14.86 -17.17
N TRP C 271 -10.44 -14.68 -18.40
CA TRP C 271 -10.41 -15.77 -19.34
C TRP C 271 -9.18 -15.68 -20.22
N TYR C 272 -8.54 -16.82 -20.46
CA TYR C 272 -7.35 -16.87 -21.30
C TYR C 272 -7.52 -17.85 -22.47
N VAL C 273 -6.81 -17.61 -23.57
CA VAL C 273 -6.86 -18.49 -24.72
C VAL C 273 -6.24 -19.80 -24.32
N VAL C 274 -6.51 -20.84 -25.10
CA VAL C 274 -5.98 -22.16 -24.81
C VAL C 274 -5.69 -22.96 -26.07
N ASP C 275 -6.33 -22.59 -27.18
CA ASP C 275 -6.12 -23.27 -28.44
C ASP C 275 -6.85 -22.64 -29.61
N LYS C 276 -6.17 -22.54 -30.75
CA LYS C 276 -6.81 -21.98 -31.93
C LYS C 276 -7.24 -23.18 -32.75
N ASP C 277 -8.44 -23.11 -33.35
CA ASP C 277 -8.98 -24.21 -34.16
C ASP C 277 -8.90 -23.85 -35.64
N VAL C 278 -7.68 -23.76 -36.15
CA VAL C 278 -7.39 -23.43 -37.54
C VAL C 278 -8.56 -23.35 -38.50
N GLU C 279 -9.08 -24.51 -38.91
CA GLU C 279 -10.19 -24.57 -39.86
C GLU C 279 -11.56 -24.18 -39.33
N ASN C 280 -12.01 -24.84 -38.27
CA ASN C 280 -13.30 -24.53 -37.69
C ASN C 280 -13.32 -23.07 -37.22
N ASN C 281 -12.19 -22.38 -37.43
CA ASN C 281 -12.05 -21.00 -37.04
C ASN C 281 -12.71 -20.78 -35.69
N ILE C 282 -12.13 -21.42 -34.67
CA ILE C 282 -12.63 -21.32 -33.31
C ILE C 282 -11.60 -20.61 -32.43
N LEU C 283 -11.98 -20.35 -31.19
CA LEU C 283 -11.11 -19.70 -30.25
C LEU C 283 -11.39 -20.30 -28.89
N VAL C 284 -10.76 -21.43 -28.61
CA VAL C 284 -10.97 -22.11 -27.33
C VAL C 284 -10.36 -21.36 -26.14
N VAL C 285 -11.23 -20.76 -25.33
CA VAL C 285 -10.80 -20.03 -24.14
C VAL C 285 -10.95 -20.96 -22.93
N ALA C 286 -10.81 -20.40 -21.75
CA ALA C 286 -10.93 -21.16 -20.51
C ALA C 286 -11.07 -20.16 -19.37
N GLN C 287 -10.29 -20.35 -18.31
CA GLN C 287 -10.40 -19.44 -17.19
C GLN C 287 -9.43 -19.73 -16.06
N GLY C 288 -8.56 -18.77 -15.76
CA GLY C 288 -7.60 -18.96 -14.69
C GLY C 288 -6.17 -19.05 -15.18
N HIS C 289 -5.30 -18.19 -14.66
CA HIS C 289 -3.92 -18.26 -15.09
C HIS C 289 -3.25 -19.43 -14.42
N GLU C 290 -3.73 -20.63 -14.72
CA GLU C 290 -3.21 -21.86 -14.16
C GLU C 290 -4.02 -23.06 -14.65
N HIS C 291 -5.14 -22.77 -15.31
CA HIS C 291 -6.01 -23.82 -15.84
C HIS C 291 -5.25 -24.89 -16.62
N PRO C 292 -5.54 -26.16 -16.36
CA PRO C 292 -4.88 -27.28 -17.04
C PRO C 292 -4.69 -27.16 -18.54
N ARG C 293 -5.65 -26.59 -19.25
CA ARG C 293 -5.48 -26.48 -20.68
C ARG C 293 -4.60 -25.30 -21.06
N LEU C 294 -3.61 -25.01 -20.23
CA LEU C 294 -2.70 -23.91 -20.50
C LEU C 294 -1.36 -24.23 -19.90
N MET C 295 -1.09 -25.53 -19.82
CA MET C 295 0.16 -26.02 -19.29
C MET C 295 0.63 -27.19 -20.15
N SER C 296 1.89 -27.58 -19.98
CA SER C 296 2.45 -28.70 -20.73
C SER C 296 3.55 -29.34 -19.89
N VAL C 297 4.06 -30.48 -20.35
CA VAL C 297 5.12 -31.14 -19.62
C VAL C 297 6.31 -31.26 -20.52
N GLY C 298 6.22 -30.62 -21.68
CA GLY C 298 7.31 -30.65 -22.62
C GLY C 298 6.84 -30.08 -23.94
N LEU C 299 7.56 -30.40 -25.00
CA LEU C 299 7.21 -29.92 -26.31
C LEU C 299 8.23 -30.51 -27.24
N ILE C 300 8.08 -30.20 -28.52
CA ILE C 300 8.99 -30.71 -29.52
C ILE C 300 9.41 -29.56 -30.43
N ALA C 301 10.72 -29.35 -30.51
CA ALA C 301 11.27 -28.27 -31.31
C ALA C 301 11.90 -28.76 -32.60
N GLN C 302 11.66 -28.02 -33.68
CA GLN C 302 12.20 -28.34 -34.97
C GLN C 302 13.40 -27.45 -35.33
N GLN C 303 13.37 -26.82 -36.50
CA GLN C 303 14.46 -25.97 -36.98
C GLN C 303 15.48 -25.63 -35.91
N LEU C 304 16.28 -26.61 -35.53
CA LEU C 304 17.27 -26.41 -34.48
C LEU C 304 18.57 -25.76 -34.92
N HIS C 305 19.17 -25.00 -33.99
CA HIS C 305 20.45 -24.35 -34.22
C HIS C 305 21.23 -24.36 -32.91
N TRP C 306 22.44 -24.92 -32.95
CA TRP C 306 23.25 -24.92 -31.76
C TRP C 306 24.41 -23.97 -32.04
N VAL C 307 24.62 -23.00 -31.16
CA VAL C 307 25.72 -22.06 -31.33
C VAL C 307 26.94 -22.91 -31.65
N ASP C 308 27.02 -24.03 -30.96
CA ASP C 308 28.09 -25.00 -31.10
C ASP C 308 28.21 -25.48 -32.54
N ARG C 309 27.06 -25.57 -33.21
CA ARG C 309 26.97 -26.03 -34.61
C ARG C 309 27.50 -27.44 -34.75
N GLU C 310 27.24 -28.24 -33.73
CA GLU C 310 27.64 -29.64 -33.66
C GLU C 310 26.36 -30.43 -33.91
N PRO C 311 26.48 -31.68 -34.38
CA PRO C 311 25.25 -32.45 -34.62
C PRO C 311 24.74 -32.94 -33.25
N PHE C 312 23.43 -32.85 -33.04
CA PHE C 312 22.83 -33.25 -31.78
C PHE C 312 22.16 -34.61 -31.77
N THR C 313 22.80 -35.56 -31.09
CA THR C 313 22.30 -36.93 -30.95
C THR C 313 22.38 -37.35 -29.49
N GLY C 314 21.39 -38.08 -29.03
CA GLY C 314 21.42 -38.54 -27.65
C GLY C 314 20.51 -37.80 -26.70
N THR C 315 20.92 -37.75 -25.44
CA THR C 315 20.15 -37.10 -24.38
C THR C 315 20.90 -36.03 -23.60
N MET C 316 20.26 -34.88 -23.47
CA MET C 316 20.82 -33.73 -22.76
C MET C 316 20.06 -33.44 -21.47
N ARG C 317 20.68 -32.63 -20.61
CA ARG C 317 20.10 -32.28 -19.33
C ARG C 317 20.36 -30.79 -19.01
N CYS C 318 19.48 -29.90 -19.45
CA CYS C 318 19.67 -28.47 -19.20
C CYS C 318 18.42 -27.71 -18.74
N THR C 319 18.36 -26.44 -19.11
CA THR C 319 17.23 -25.57 -18.78
C THR C 319 16.72 -25.02 -20.10
N VAL C 320 15.55 -24.40 -20.10
CA VAL C 320 15.00 -23.86 -21.35
C VAL C 320 13.89 -22.83 -21.18
N LYS C 321 13.94 -21.80 -22.02
CA LYS C 321 12.93 -20.76 -22.01
C LYS C 321 12.01 -21.06 -23.17
N THR C 322 10.81 -20.48 -23.17
CA THR C 322 9.85 -20.78 -24.22
C THR C 322 9.10 -19.53 -24.59
N ARG C 323 9.76 -18.41 -24.39
CA ARG C 323 9.22 -17.08 -24.68
C ARG C 323 10.31 -16.22 -24.09
N TYR C 324 10.51 -15.05 -24.67
CA TYR C 324 11.54 -14.16 -24.19
C TYR C 324 11.35 -13.91 -22.70
N ARG C 325 12.39 -13.44 -22.05
CA ARG C 325 12.36 -13.13 -20.63
C ARG C 325 11.42 -14.02 -19.81
N GLN C 326 11.44 -15.32 -20.07
CA GLN C 326 10.62 -16.23 -19.28
C GLN C 326 11.47 -16.51 -18.05
N THR C 327 11.82 -17.78 -17.80
CA THR C 327 12.63 -18.10 -16.63
C THR C 327 13.21 -19.49 -16.63
N ASP C 328 14.52 -19.58 -16.80
CA ASP C 328 15.22 -20.87 -16.81
C ASP C 328 14.47 -22.00 -16.10
N ILE C 329 13.70 -22.78 -16.86
CA ILE C 329 12.96 -23.90 -16.30
C ILE C 329 13.60 -25.22 -16.69
N PRO C 330 14.20 -25.92 -15.71
CA PRO C 330 14.88 -27.21 -15.88
C PRO C 330 14.17 -28.08 -16.89
N CYS C 331 14.92 -28.99 -17.50
CA CYS C 331 14.36 -29.89 -18.49
C CYS C 331 15.37 -30.93 -18.97
N THR C 332 14.87 -31.97 -19.62
CA THR C 332 15.73 -33.01 -20.15
C THR C 332 15.44 -33.08 -21.65
N VAL C 333 16.50 -33.16 -22.43
CA VAL C 333 16.34 -33.22 -23.88
C VAL C 333 16.82 -34.52 -24.47
N LYS C 334 16.10 -34.99 -25.48
CA LYS C 334 16.47 -36.21 -26.16
C LYS C 334 16.16 -35.99 -27.63
N ALA C 335 17.06 -36.46 -28.49
CA ALA C 335 16.91 -36.32 -29.94
C ALA C 335 15.74 -37.15 -30.44
N LEU C 336 14.84 -36.53 -31.18
CA LEU C 336 13.69 -37.25 -31.70
C LEU C 336 13.79 -37.40 -33.21
N ASP C 337 14.93 -36.98 -33.75
CA ASP C 337 15.14 -37.06 -35.20
C ASP C 337 16.48 -36.37 -35.49
N ASP C 338 16.63 -35.82 -36.69
CA ASP C 338 17.86 -35.12 -37.06
C ASP C 338 17.56 -33.62 -37.07
N ASP C 339 16.30 -33.28 -36.77
CA ASP C 339 15.88 -31.89 -36.75
C ASP C 339 14.96 -31.60 -35.57
N ARG C 340 14.23 -32.60 -35.10
CA ARG C 340 13.30 -32.38 -34.00
C ARG C 340 13.85 -32.84 -32.66
N ILE C 341 13.35 -32.24 -31.58
CA ILE C 341 13.76 -32.61 -30.23
C ILE C 341 12.57 -32.77 -29.30
N GLU C 342 12.73 -33.63 -28.31
CA GLU C 342 11.69 -33.88 -27.32
C GLU C 342 12.28 -33.48 -25.98
N VAL C 343 11.75 -32.42 -25.39
CA VAL C 343 12.22 -31.97 -24.09
C VAL C 343 11.14 -32.28 -23.07
N ILE C 344 11.53 -32.46 -21.82
CA ILE C 344 10.54 -32.79 -20.83
C ILE C 344 10.59 -31.91 -19.60
N PHE C 345 9.73 -30.89 -19.59
CA PHE C 345 9.62 -29.94 -18.50
C PHE C 345 9.60 -30.60 -17.11
N ASP C 346 10.60 -30.25 -16.29
CA ASP C 346 10.72 -30.78 -14.95
C ASP C 346 9.49 -30.47 -14.11
N GLU C 347 8.64 -29.60 -14.65
CA GLU C 347 7.40 -29.19 -14.02
C GLU C 347 6.59 -28.59 -15.13
N PRO C 348 5.26 -28.66 -15.04
CA PRO C 348 4.40 -28.10 -16.09
C PRO C 348 4.80 -26.68 -16.44
N VAL C 349 4.73 -26.35 -17.73
CA VAL C 349 5.06 -25.03 -18.21
C VAL C 349 3.81 -24.38 -18.77
N ALA C 350 3.65 -23.10 -18.46
CA ALA C 350 2.49 -22.33 -18.89
C ALA C 350 2.48 -21.78 -20.31
N ALA C 351 1.45 -22.15 -21.06
CA ALA C 351 1.26 -21.68 -22.43
C ALA C 351 2.45 -21.84 -23.36
N VAL C 352 2.94 -23.07 -23.52
CA VAL C 352 4.02 -23.24 -24.45
C VAL C 352 3.37 -23.01 -25.80
N THR C 353 3.68 -21.90 -26.43
CA THR C 353 3.09 -21.63 -27.73
C THR C 353 3.96 -22.14 -28.88
N PRO C 354 3.31 -22.67 -29.91
CA PRO C 354 3.98 -23.19 -31.10
C PRO C 354 4.32 -22.04 -32.03
N GLY C 355 5.54 -22.00 -32.52
CA GLY C 355 5.95 -20.91 -33.39
C GLY C 355 7.02 -20.07 -32.70
N GLN C 356 6.89 -19.93 -31.39
CA GLN C 356 7.87 -19.16 -30.62
C GLN C 356 9.10 -20.04 -30.54
N SER C 357 10.25 -19.46 -30.21
CA SER C 357 11.45 -20.28 -30.13
C SER C 357 11.71 -20.79 -28.71
N ALA C 358 12.46 -21.88 -28.62
CA ALA C 358 12.78 -22.44 -27.31
C ALA C 358 14.30 -22.52 -27.18
N VAL C 359 14.87 -21.58 -26.42
CA VAL C 359 16.31 -21.51 -26.20
C VAL C 359 16.77 -22.27 -24.97
N PHE C 360 17.73 -23.17 -25.14
CA PHE C 360 18.21 -23.95 -24.01
C PHE C 360 19.54 -23.39 -23.52
N TYR C 361 19.75 -23.41 -22.21
CA TYR C 361 20.97 -22.90 -21.62
C TYR C 361 21.64 -23.98 -20.78
N ASN C 362 22.97 -23.95 -20.74
CA ASN C 362 23.71 -24.90 -19.93
C ASN C 362 24.42 -24.08 -18.88
N GLY C 363 23.67 -23.13 -18.31
CA GLY C 363 24.23 -22.28 -17.28
C GLY C 363 24.50 -20.93 -17.90
N GLU C 364 25.69 -20.41 -17.63
CA GLU C 364 26.12 -19.11 -18.13
C GLU C 364 25.93 -19.08 -19.65
N VAL C 365 26.19 -20.23 -20.27
CA VAL C 365 26.10 -20.41 -21.72
C VAL C 365 24.71 -20.57 -22.30
N CYS C 366 24.58 -20.14 -23.54
CA CYS C 366 23.33 -20.31 -24.24
C CYS C 366 23.69 -21.21 -25.39
N LEU C 367 23.15 -22.44 -25.36
CA LEU C 367 23.46 -23.42 -26.40
C LEU C 367 22.72 -23.20 -27.71
N GLY C 368 21.77 -22.27 -27.75
CA GLY C 368 21.04 -22.04 -28.99
C GLY C 368 19.74 -22.81 -28.83
N GLY C 369 18.69 -22.38 -29.52
CA GLY C 369 17.43 -23.08 -29.35
C GLY C 369 16.87 -23.74 -30.59
N GLY C 370 15.59 -23.48 -30.85
CA GLY C 370 14.92 -24.03 -32.01
C GLY C 370 13.44 -23.67 -32.02
N ILE C 371 12.76 -23.90 -33.14
CA ILE C 371 11.33 -23.60 -33.23
C ILE C 371 10.37 -24.67 -32.72
N ILE C 372 9.45 -24.24 -31.87
CA ILE C 372 8.42 -25.08 -31.27
C ILE C 372 7.30 -25.32 -32.27
N GLU C 373 6.85 -26.56 -32.36
CA GLU C 373 5.77 -26.87 -33.27
C GLU C 373 4.80 -27.83 -32.59
N GLN C 374 5.22 -28.33 -31.44
CA GLN C 374 4.38 -29.24 -30.71
C GLN C 374 4.59 -29.15 -29.21
N ARG C 375 3.50 -28.90 -28.49
CA ARG C 375 3.54 -28.81 -27.04
C ARG C 375 3.38 -30.23 -26.49
N LEU C 376 3.18 -30.37 -25.20
CA LEU C 376 3.01 -31.69 -24.65
C LEU C 376 1.93 -31.67 -23.60
N PRO C 377 0.66 -31.64 -24.05
CA PRO C 377 -0.56 -31.61 -23.25
C PRO C 377 -0.44 -32.23 -21.88
N LEU C 378 -1.08 -31.56 -20.93
CA LEU C 378 -1.10 -31.99 -19.55
C LEU C 378 -2.03 -33.20 -19.45
N PRO C 379 -1.63 -34.23 -18.69
CA PRO C 379 -2.47 -35.43 -18.54
C PRO C 379 -3.84 -35.08 -17.96
N VAL C 380 -4.86 -35.11 -18.83
CA VAL C 380 -6.25 -34.79 -18.46
C VAL C 380 -6.42 -33.58 -17.53
N ALA D 17 -46.18 14.04 28.53
CA ALA D 17 -45.48 15.21 27.94
C ALA D 17 -44.68 15.98 28.99
N LYS D 18 -43.69 15.31 29.59
CA LYS D 18 -42.86 15.95 30.60
C LYS D 18 -41.93 16.97 29.99
N LYS D 19 -41.29 17.76 30.85
CA LYS D 19 -40.38 18.80 30.41
C LYS D 19 -38.98 18.20 30.29
N VAL D 20 -38.26 18.54 29.22
CA VAL D 20 -36.90 18.04 29.01
C VAL D 20 -35.93 19.11 28.56
N ILE D 21 -34.94 19.39 29.39
CA ILE D 21 -33.96 20.38 29.01
C ILE D 21 -32.69 19.68 28.59
N VAL D 22 -32.43 19.73 27.28
CA VAL D 22 -31.24 19.11 26.69
C VAL D 22 -30.09 20.11 26.61
N GLY D 23 -28.90 19.67 26.96
CA GLY D 23 -27.78 20.59 26.90
C GLY D 23 -27.34 20.84 25.47
N MET D 24 -27.76 21.95 24.87
CA MET D 24 -27.36 22.28 23.50
C MET D 24 -25.92 22.77 23.51
N SER D 25 -25.07 22.14 22.71
CA SER D 25 -23.65 22.49 22.65
C SER D 25 -23.27 23.01 21.28
N GLY D 26 -24.20 22.92 20.33
CA GLY D 26 -23.89 23.37 19.00
C GLY D 26 -23.10 22.28 18.31
N GLY D 27 -23.16 21.10 18.91
CA GLY D 27 -22.47 19.94 18.36
C GLY D 27 -23.45 19.09 17.55
N VAL D 28 -22.95 18.36 16.57
CA VAL D 28 -23.84 17.56 15.74
C VAL D 28 -24.66 16.64 16.61
N ASP D 29 -24.01 16.00 17.56
CA ASP D 29 -24.70 15.08 18.46
C ASP D 29 -25.94 15.77 19.03
N SER D 30 -25.76 16.52 20.10
CA SER D 30 -26.84 17.25 20.75
C SER D 30 -28.06 17.47 19.86
N SER D 31 -27.88 18.29 18.83
CA SER D 31 -28.94 18.61 17.86
C SER D 31 -29.84 17.41 17.53
N VAL D 32 -29.31 16.47 16.77
CA VAL D 32 -30.04 15.27 16.45
C VAL D 32 -30.73 14.80 17.75
N SER D 33 -29.97 14.77 18.84
CA SER D 33 -30.46 14.34 20.15
C SER D 33 -31.72 15.04 20.67
N ALA D 34 -31.87 16.33 20.40
CA ALA D 34 -33.06 17.07 20.85
C ALA D 34 -34.20 16.70 19.93
N TRP D 35 -33.98 16.91 18.64
CA TRP D 35 -34.97 16.58 17.62
C TRP D 35 -35.51 15.17 17.80
N LEU D 36 -34.74 14.29 18.42
CA LEU D 36 -35.21 12.91 18.64
C LEU D 36 -36.22 12.86 19.80
N LEU D 37 -36.04 13.74 20.79
CA LEU D 37 -36.97 13.78 21.90
C LEU D 37 -38.16 14.51 21.32
N GLN D 38 -37.91 15.66 20.73
CA GLN D 38 -38.96 16.44 20.12
C GLN D 38 -39.91 15.48 19.42
N GLN D 39 -39.37 14.65 18.55
CA GLN D 39 -40.21 13.69 17.85
C GLN D 39 -40.81 12.73 18.87
N GLN D 40 -39.96 12.19 19.73
CA GLN D 40 -40.38 11.25 20.75
C GLN D 40 -41.54 11.78 21.61
N GLY D 41 -41.99 13.00 21.34
CA GLY D 41 -43.10 13.56 22.10
C GLY D 41 -42.69 14.74 22.96
N TYR D 42 -42.04 14.43 24.09
CA TYR D 42 -41.53 15.40 25.06
C TYR D 42 -41.58 16.90 24.78
N GLN D 43 -41.75 17.67 25.85
CA GLN D 43 -41.72 19.12 25.73
C GLN D 43 -40.22 19.31 25.74
N VAL D 44 -39.68 19.98 24.73
CA VAL D 44 -38.22 20.12 24.66
C VAL D 44 -37.63 21.52 24.62
N GLU D 45 -36.92 21.87 25.67
CA GLU D 45 -36.25 23.16 25.75
C GLU D 45 -34.80 22.81 25.94
N GLY D 46 -33.92 23.66 25.42
CA GLY D 46 -32.50 23.41 25.55
C GLY D 46 -31.77 24.56 26.19
N LEU D 47 -30.69 24.23 26.90
CA LEU D 47 -29.88 25.24 27.59
C LEU D 47 -28.44 25.16 27.09
N PHE D 48 -27.77 26.29 26.98
CA PHE D 48 -26.38 26.33 26.53
C PHE D 48 -25.50 26.90 27.59
N MET D 49 -24.65 26.07 28.19
CA MET D 49 -23.77 26.55 29.25
C MET D 49 -22.56 27.28 28.71
N LYS D 50 -22.16 28.35 29.36
CA LYS D 50 -20.95 29.05 28.96
C LYS D 50 -20.14 28.94 30.25
N ASN D 51 -19.19 28.02 30.28
CA ASN D 51 -18.44 27.78 31.51
C ASN D 51 -16.94 28.08 31.55
N TRP D 52 -16.44 28.79 30.57
CA TRP D 52 -15.03 29.11 30.58
C TRP D 52 -14.76 30.49 30.02
N GLU D 53 -14.11 31.34 30.82
CA GLU D 53 -13.80 32.71 30.41
C GLU D 53 -12.51 32.81 29.62
N GLU D 54 -12.61 32.45 28.34
CA GLU D 54 -11.50 32.48 27.40
C GLU D 54 -10.62 33.69 27.61
N ASP D 55 -9.31 33.49 27.53
CA ASP D 55 -8.37 34.58 27.70
C ASP D 55 -8.19 35.31 26.37
N ASP D 56 -7.90 34.54 25.33
CA ASP D 56 -7.71 35.09 23.99
C ASP D 56 -9.01 35.46 23.28
N GLY D 57 -8.88 35.82 22.01
CA GLY D 57 -10.03 36.19 21.20
C GLY D 57 -10.24 35.10 20.15
N GLU D 58 -9.15 34.67 19.53
CA GLU D 58 -9.23 33.61 18.54
C GLU D 58 -9.97 32.45 19.20
N GLU D 59 -9.92 32.43 20.54
CA GLU D 59 -10.59 31.40 21.32
C GLU D 59 -12.06 31.77 21.55
N TYR D 60 -12.31 33.03 21.88
CA TYR D 60 -13.69 33.45 22.12
C TYR D 60 -14.57 33.06 20.95
N CYS D 61 -14.63 33.90 19.93
CA CYS D 61 -15.44 33.64 18.76
C CYS D 61 -15.67 32.15 18.56
N THR D 62 -14.58 31.40 18.49
CA THR D 62 -14.64 29.96 18.30
C THR D 62 -15.77 29.35 19.13
N ALA D 63 -15.83 29.74 20.39
CA ALA D 63 -16.84 29.24 21.31
C ALA D 63 -18.04 30.17 21.41
N ALA D 64 -17.89 31.37 20.88
CA ALA D 64 -18.98 32.31 20.90
C ALA D 64 -19.95 31.84 19.82
N ALA D 65 -19.43 31.71 18.61
CA ALA D 65 -20.23 31.27 17.48
C ALA D 65 -20.71 29.84 17.69
N ASP D 66 -20.00 29.10 18.53
CA ASP D 66 -20.38 27.74 18.82
C ASP D 66 -21.80 27.81 19.38
N LEU D 67 -22.19 28.99 19.84
CA LEU D 67 -23.52 29.21 20.39
C LEU D 67 -24.51 29.45 19.27
N ALA D 68 -24.17 30.36 18.37
CA ALA D 68 -25.04 30.68 17.24
C ALA D 68 -25.38 29.41 16.49
N ASP D 69 -24.47 28.43 16.56
CA ASP D 69 -24.70 27.15 15.92
C ASP D 69 -25.73 26.46 16.79
N ALA D 70 -25.54 26.55 18.10
CA ALA D 70 -26.46 25.93 19.04
C ALA D 70 -27.86 26.49 18.85
N GLN D 71 -27.99 27.81 18.96
CA GLN D 71 -29.28 28.46 18.81
C GLN D 71 -29.93 28.08 17.49
N ALA D 72 -29.31 28.52 16.39
CA ALA D 72 -29.79 28.26 15.04
C ALA D 72 -30.35 26.87 14.81
N VAL D 73 -30.08 25.96 15.74
CA VAL D 73 -30.61 24.61 15.60
C VAL D 73 -31.90 24.54 16.38
N CYS D 74 -31.92 25.20 17.53
CA CYS D 74 -33.10 25.23 18.38
C CYS D 74 -34.19 25.96 17.64
N ASP D 75 -33.79 26.95 16.85
CA ASP D 75 -34.75 27.73 16.08
C ASP D 75 -35.27 26.88 14.92
N LYS D 76 -34.36 26.27 14.18
CA LYS D 76 -34.72 25.43 13.04
C LYS D 76 -35.59 24.28 13.55
N LEU D 77 -35.54 24.03 14.85
CA LEU D 77 -36.32 22.98 15.48
C LEU D 77 -37.56 23.56 16.13
N GLY D 78 -37.47 24.82 16.54
CA GLY D 78 -38.58 25.47 17.21
C GLY D 78 -38.52 25.17 18.70
N ILE D 79 -37.43 25.61 19.32
CA ILE D 79 -37.20 25.39 20.74
C ILE D 79 -36.55 26.63 21.36
N GLU D 80 -36.84 26.89 22.62
CA GLU D 80 -36.26 28.04 23.31
C GLU D 80 -34.88 27.65 23.79
N LEU D 81 -33.91 28.55 23.63
CA LEU D 81 -32.55 28.25 24.10
C LEU D 81 -32.19 29.10 25.30
N HIS D 82 -31.88 28.44 26.42
CA HIS D 82 -31.52 29.13 27.67
C HIS D 82 -30.03 29.27 27.92
N THR D 83 -29.62 30.48 28.28
CA THR D 83 -28.21 30.73 28.58
C THR D 83 -28.01 30.57 30.06
N VAL D 84 -26.82 30.14 30.44
CA VAL D 84 -26.47 29.97 31.84
C VAL D 84 -24.97 30.12 31.96
N ASN D 85 -24.48 30.44 33.15
CA ASN D 85 -23.06 30.59 33.32
C ASN D 85 -22.55 29.98 34.59
N PHE D 86 -22.25 28.69 34.50
CA PHE D 86 -21.73 27.99 35.65
C PHE D 86 -20.20 28.09 35.65
N ALA D 87 -19.66 28.86 34.71
CA ALA D 87 -18.21 29.05 34.63
C ALA D 87 -17.66 29.22 36.02
N ALA D 88 -18.43 29.90 36.85
CA ALA D 88 -18.08 30.14 38.24
C ALA D 88 -17.67 28.81 38.89
N GLU D 89 -18.58 27.85 38.87
CA GLU D 89 -18.32 26.55 39.47
C GLU D 89 -17.40 25.64 38.67
N TYR D 90 -17.30 25.88 37.36
CA TYR D 90 -16.41 25.04 36.59
C TYR D 90 -15.05 25.12 37.22
N TRP D 91 -14.53 26.34 37.31
CA TRP D 91 -13.22 26.54 37.90
C TRP D 91 -13.24 26.02 39.32
N ASP D 92 -14.20 26.51 40.09
CA ASP D 92 -14.33 26.13 41.48
C ASP D 92 -14.21 24.64 41.75
N ASN D 93 -15.06 23.83 41.12
CA ASN D 93 -15.03 22.40 41.37
C ASN D 93 -14.34 21.51 40.36
N VAL D 94 -13.76 22.09 39.32
CA VAL D 94 -13.09 21.28 38.30
C VAL D 94 -11.69 21.73 37.89
N PHE D 95 -11.59 22.75 37.05
CA PHE D 95 -10.30 23.22 36.59
C PHE D 95 -9.29 23.46 37.72
N GLU D 96 -9.80 23.73 38.91
CA GLU D 96 -8.94 23.98 40.07
C GLU D 96 -8.24 22.69 40.45
N LEU D 97 -9.04 21.68 40.78
CA LEU D 97 -8.51 20.38 41.17
C LEU D 97 -7.70 19.86 40.00
N PHE D 98 -8.07 20.30 38.80
CA PHE D 98 -7.39 19.94 37.57
C PHE D 98 -5.91 20.28 37.74
N LEU D 99 -5.62 21.57 37.77
CA LEU D 99 -4.24 22.06 37.94
C LEU D 99 -3.53 21.47 39.15
N ALA D 100 -4.31 21.19 40.19
CA ALA D 100 -3.76 20.62 41.40
C ALA D 100 -3.00 19.33 41.11
N GLU D 101 -3.73 18.23 40.96
CA GLU D 101 -3.14 16.93 40.69
C GLU D 101 -2.08 16.98 39.60
N TYR D 102 -2.16 17.95 38.70
CA TYR D 102 -1.17 18.04 37.64
C TYR D 102 0.14 18.47 38.25
N LYS D 103 0.08 19.56 39.01
CA LYS D 103 1.25 20.11 39.68
C LYS D 103 1.96 18.98 40.43
N ALA D 104 1.17 18.07 40.97
CA ALA D 104 1.68 16.93 41.72
C ALA D 104 2.21 15.82 40.80
N GLY D 105 2.48 16.18 39.55
CA GLY D 105 3.01 15.22 38.61
C GLY D 105 2.16 13.98 38.42
N ARG D 106 0.89 14.20 38.10
CA ARG D 106 -0.06 13.11 37.85
C ARG D 106 -0.89 13.55 36.67
N THR D 107 -1.61 12.62 36.06
CA THR D 107 -2.42 12.96 34.91
C THR D 107 -3.89 12.83 35.25
N PRO D 108 -4.57 13.97 35.43
CA PRO D 108 -5.99 14.09 35.76
C PRO D 108 -6.88 14.20 34.53
N ASN D 109 -8.11 13.74 34.67
CA ASN D 109 -9.04 13.78 33.56
C ASN D 109 -10.10 14.85 33.80
N PRO D 110 -9.77 16.12 33.51
CA PRO D 110 -10.76 17.19 33.72
C PRO D 110 -12.14 16.71 33.36
N ASP D 111 -12.35 16.47 32.08
CA ASP D 111 -13.63 16.00 31.60
C ASP D 111 -14.34 15.04 32.56
N ILE D 112 -13.59 14.13 33.18
CA ILE D 112 -14.22 13.16 34.08
C ILE D 112 -15.00 13.79 35.25
N LEU D 113 -14.72 15.05 35.54
CA LEU D 113 -15.42 15.76 36.61
C LEU D 113 -16.35 16.74 35.94
N CYS D 114 -16.02 17.09 34.71
CA CYS D 114 -16.82 18.03 33.95
C CYS D 114 -18.24 17.49 33.92
N ASN D 115 -18.36 16.20 34.17
CA ASN D 115 -19.67 15.57 34.17
C ASN D 115 -20.21 15.39 35.59
N LYS D 116 -19.29 15.13 36.52
CA LYS D 116 -19.62 14.92 37.92
C LYS D 116 -20.01 16.16 38.67
N GLU D 117 -19.37 17.28 38.35
CA GLU D 117 -19.63 18.53 39.05
C GLU D 117 -20.52 19.51 38.29
N ILE D 118 -20.67 19.29 36.98
CA ILE D 118 -21.52 20.18 36.22
C ILE D 118 -22.63 19.48 35.44
N LYS D 119 -22.32 19.04 34.23
CA LYS D 119 -23.32 18.41 33.40
C LYS D 119 -24.30 17.46 34.10
N PHE D 120 -24.02 17.08 35.34
CA PHE D 120 -24.92 16.17 36.03
C PHE D 120 -25.18 16.52 37.49
N LYS D 121 -25.05 17.80 37.79
CA LYS D 121 -25.24 18.35 39.13
C LYS D 121 -25.57 19.82 38.87
N ALA D 122 -24.52 20.65 38.77
CA ALA D 122 -24.68 22.07 38.50
C ALA D 122 -25.87 22.27 37.55
N PHE D 123 -25.81 21.62 36.40
CA PHE D 123 -26.88 21.71 35.40
C PHE D 123 -28.11 21.14 36.05
N LEU D 124 -28.17 19.80 36.11
CA LEU D 124 -29.30 19.07 36.68
C LEU D 124 -30.04 19.86 37.76
N GLU D 125 -29.27 20.49 38.64
CA GLU D 125 -29.84 21.30 39.71
C GLU D 125 -30.67 22.41 39.03
N PHE D 126 -29.99 23.33 38.39
CA PHE D 126 -30.59 24.45 37.68
C PHE D 126 -31.70 24.04 36.71
N ALA D 127 -31.93 22.75 36.56
CA ALA D 127 -32.96 22.26 35.65
C ALA D 127 -34.33 22.52 36.25
N ALA D 128 -34.49 22.10 37.49
CA ALA D 128 -35.74 22.24 38.23
C ALA D 128 -35.80 23.48 39.11
N GLU D 129 -34.68 23.87 39.70
CA GLU D 129 -34.66 25.05 40.56
C GLU D 129 -35.06 26.30 39.78
N ASP D 130 -34.85 26.26 38.46
CA ASP D 130 -35.18 27.38 37.58
C ASP D 130 -36.01 26.92 36.38
N LEU D 131 -35.32 26.43 35.37
CA LEU D 131 -35.94 25.96 34.14
C LEU D 131 -37.19 25.11 34.39
N GLY D 132 -37.25 24.52 35.58
CA GLY D 132 -38.39 23.71 35.95
C GLY D 132 -38.77 22.62 34.96
N ALA D 133 -38.00 21.54 34.97
CA ALA D 133 -38.25 20.41 34.10
C ALA D 133 -38.13 19.15 34.92
N ASP D 134 -38.48 18.02 34.33
CA ASP D 134 -38.41 16.75 35.04
C ASP D 134 -37.62 15.68 34.28
N TYR D 135 -36.63 16.12 33.50
CA TYR D 135 -35.77 15.25 32.70
C TYR D 135 -34.66 16.05 32.00
N ILE D 136 -33.41 15.81 32.40
CA ILE D 136 -32.30 16.48 31.75
C ILE D 136 -31.77 15.53 30.68
N ALA D 137 -31.24 16.07 29.60
CA ALA D 137 -30.72 15.23 28.53
C ALA D 137 -29.45 15.79 27.89
N THR D 138 -28.36 15.01 27.97
CA THR D 138 -27.11 15.39 27.35
C THR D 138 -27.11 14.61 26.05
N GLY D 139 -26.13 14.86 25.21
CA GLY D 139 -26.04 14.11 23.96
C GLY D 139 -24.99 13.02 24.15
N HIS D 140 -24.65 12.70 25.38
CA HIS D 140 -23.65 11.67 25.62
C HIS D 140 -24.03 10.37 24.95
N TYR D 141 -23.19 9.93 24.05
CA TYR D 141 -23.46 8.68 23.37
C TYR D 141 -23.22 7.55 24.35
N VAL D 142 -24.25 7.32 25.17
CA VAL D 142 -24.27 6.26 26.18
C VAL D 142 -25.77 5.98 26.33
N ARG D 143 -26.16 4.97 27.11
CA ARG D 143 -27.59 4.71 27.26
C ARG D 143 -28.00 4.44 28.69
N ARG D 144 -29.31 4.57 28.92
CA ARG D 144 -29.89 4.35 30.24
C ARG D 144 -30.95 3.28 30.16
N ALA D 145 -30.87 2.34 31.09
CA ALA D 145 -31.81 1.24 31.15
C ALA D 145 -32.16 0.97 32.61
N ASP D 146 -33.42 1.20 32.96
CA ASP D 146 -33.86 0.98 34.33
C ASP D 146 -34.34 -0.45 34.47
N VAL D 147 -34.00 -1.08 35.59
CA VAL D 147 -34.39 -2.46 35.84
C VAL D 147 -34.50 -2.69 37.33
N ASP D 148 -35.36 -3.63 37.73
CA ASP D 148 -35.56 -3.96 39.14
C ASP D 148 -35.61 -2.71 40.01
N GLY D 149 -36.12 -1.61 39.46
CA GLY D 149 -36.25 -0.37 40.20
C GLY D 149 -35.03 0.53 40.31
N LYS D 150 -33.89 0.07 39.82
CA LYS D 150 -32.67 0.89 39.87
C LYS D 150 -32.20 1.29 38.48
N SER D 151 -32.10 2.60 38.25
CA SER D 151 -31.68 3.15 36.98
C SER D 151 -30.22 2.77 36.75
N ARG D 152 -29.93 2.13 35.61
CA ARG D 152 -28.57 1.71 35.33
C ARG D 152 -27.89 2.35 34.12
N LEU D 153 -26.58 2.51 34.24
CA LEU D 153 -25.77 3.11 33.19
C LEU D 153 -25.22 2.06 32.24
N LEU D 154 -25.05 2.42 30.97
CA LEU D 154 -24.50 1.47 30.03
C LEU D 154 -24.23 2.07 28.67
N ARG D 155 -23.04 1.77 28.16
CA ARG D 155 -22.54 2.24 26.87
C ARG D 155 -23.49 1.92 25.74
N GLY D 156 -23.54 2.81 24.75
CA GLY D 156 -24.44 2.63 23.63
C GLY D 156 -23.92 1.71 22.55
N LEU D 157 -24.63 1.69 21.43
CA LEU D 157 -24.23 0.86 20.32
C LEU D 157 -23.02 1.54 19.69
N ASP D 158 -22.66 1.13 18.47
CA ASP D 158 -21.49 1.71 17.80
C ASP D 158 -20.30 1.60 18.73
N SER D 159 -20.31 0.52 19.51
CA SER D 159 -19.27 0.23 20.48
C SER D 159 -18.03 1.10 20.35
N ASN D 160 -17.29 0.95 19.26
CA ASN D 160 -16.08 1.75 19.04
C ASN D 160 -16.28 3.16 19.61
N LYS D 161 -17.13 3.96 18.98
CA LYS D 161 -17.39 5.32 19.47
C LYS D 161 -18.45 5.28 20.58
N ASP D 162 -18.03 5.63 21.80
CA ASP D 162 -18.93 5.62 22.97
C ASP D 162 -18.29 6.36 24.13
N GLN D 163 -19.13 6.92 25.01
CA GLN D 163 -18.63 7.70 26.14
C GLN D 163 -18.87 7.19 27.60
N SER D 164 -19.33 5.96 27.73
CA SER D 164 -19.57 5.40 29.05
C SER D 164 -18.50 5.78 30.09
N TYR D 165 -17.24 5.72 29.67
CA TYR D 165 -16.08 6.03 30.51
C TYR D 165 -16.19 7.33 31.29
N PHE D 166 -16.59 8.39 30.60
CA PHE D 166 -16.69 9.70 31.21
C PHE D 166 -17.78 9.89 32.26
N LEU D 167 -18.67 8.91 32.42
CA LEU D 167 -19.73 9.07 33.39
C LEU D 167 -19.75 8.04 34.51
N TYR D 168 -18.60 7.53 34.92
CA TYR D 168 -18.62 6.52 35.98
C TYR D 168 -18.99 7.14 37.32
N THR D 169 -18.88 8.45 37.38
CA THR D 169 -19.20 9.20 38.58
C THR D 169 -20.69 9.22 38.87
N LEU D 170 -21.51 9.29 37.81
CA LEU D 170 -22.96 9.31 37.98
C LEU D 170 -23.52 8.19 38.84
N SER D 171 -24.72 8.45 39.37
CA SER D 171 -25.41 7.49 40.23
C SER D 171 -26.73 7.15 39.56
N HIS D 172 -27.41 6.12 40.05
CA HIS D 172 -28.69 5.76 39.47
C HIS D 172 -29.58 6.99 39.51
N GLU D 173 -29.68 7.57 40.70
CA GLU D 173 -30.49 8.77 40.87
C GLU D 173 -30.26 9.72 39.70
N GLN D 174 -29.09 10.34 39.67
CA GLN D 174 -28.75 11.29 38.62
C GLN D 174 -29.13 10.76 37.24
N ILE D 175 -28.67 9.55 36.91
CA ILE D 175 -28.95 8.99 35.61
C ILE D 175 -30.44 8.96 35.36
N ALA D 176 -31.14 8.31 36.27
CA ALA D 176 -32.58 8.16 36.21
C ALA D 176 -33.26 9.44 35.78
N GLN D 177 -32.86 10.57 36.36
CA GLN D 177 -33.49 11.83 35.99
C GLN D 177 -32.95 12.42 34.69
N SER D 178 -32.05 11.67 34.03
CA SER D 178 -31.46 12.10 32.79
C SER D 178 -31.96 11.27 31.62
N LEU D 179 -31.87 11.85 30.43
CA LEU D 179 -32.30 11.16 29.21
C LEU D 179 -31.18 11.20 28.19
N PHE D 180 -30.86 10.01 27.65
CA PHE D 180 -29.81 9.84 26.67
C PHE D 180 -30.40 9.29 25.37
N PRO D 181 -30.83 10.17 24.46
CA PRO D 181 -31.44 9.77 23.18
C PRO D 181 -30.60 9.06 22.14
N VAL D 182 -29.54 9.71 21.68
CA VAL D 182 -28.72 9.13 20.62
C VAL D 182 -27.92 7.91 20.98
N GLY D 183 -27.64 7.71 22.26
CA GLY D 183 -26.90 6.52 22.65
C GLY D 183 -27.51 5.26 22.04
N GLU D 184 -28.67 5.40 21.44
CA GLU D 184 -29.37 4.28 20.84
C GLU D 184 -29.02 4.16 19.37
N LEU D 185 -28.82 5.30 18.71
CA LEU D 185 -28.47 5.28 17.31
C LEU D 185 -27.05 4.78 17.09
N GLU D 186 -26.50 5.11 15.93
CA GLU D 186 -25.15 4.76 15.53
C GLU D 186 -24.57 6.02 14.91
N LYS D 187 -23.45 6.48 15.46
CA LYS D 187 -22.81 7.71 15.03
C LYS D 187 -23.03 8.20 13.59
N PRO D 188 -22.81 7.34 12.61
CA PRO D 188 -23.03 7.80 11.24
C PRO D 188 -24.44 8.30 11.03
N GLN D 189 -25.41 7.61 11.65
CA GLN D 189 -26.84 7.95 11.54
C GLN D 189 -27.05 9.35 12.04
N VAL D 190 -26.67 9.52 13.30
CA VAL D 190 -26.79 10.79 13.95
C VAL D 190 -26.26 11.90 13.03
N ARG D 191 -24.97 11.82 12.71
CA ARG D 191 -24.32 12.84 11.88
C ARG D 191 -25.09 13.04 10.59
N LYS D 192 -26.05 12.18 10.31
CA LYS D 192 -26.83 12.30 9.08
C LYS D 192 -28.21 12.90 9.33
N ILE D 193 -28.95 12.29 10.26
CA ILE D 193 -30.27 12.78 10.60
C ILE D 193 -30.20 14.29 10.60
N ALA D 194 -29.13 14.78 11.21
CA ALA D 194 -28.88 16.20 11.31
C ALA D 194 -28.75 16.81 9.92
N GLU D 195 -27.96 16.15 9.08
CA GLU D 195 -27.73 16.62 7.73
C GLU D 195 -29.03 16.67 6.97
N ASP D 196 -29.92 15.71 7.23
CA ASP D 196 -31.19 15.69 6.53
C ASP D 196 -32.12 16.79 7.03
N LEU D 197 -32.36 16.82 8.34
CA LEU D 197 -33.20 17.85 8.94
C LEU D 197 -32.72 19.19 8.41
N GLY D 198 -31.40 19.34 8.41
CA GLY D 198 -30.79 20.58 7.94
C GLY D 198 -30.04 21.26 9.06
N LEU D 199 -30.11 20.71 10.27
CA LEU D 199 -29.42 21.27 11.42
C LEU D 199 -28.05 21.74 10.99
N VAL D 200 -27.76 23.02 11.23
CA VAL D 200 -26.48 23.58 10.83
C VAL D 200 -25.27 22.86 11.43
N THR D 201 -25.47 22.16 12.54
CA THR D 201 -24.37 21.44 13.15
C THR D 201 -23.81 20.28 12.33
N ALA D 202 -24.65 19.54 11.61
CA ALA D 202 -24.16 18.43 10.81
C ALA D 202 -22.92 18.89 10.06
N LYS D 203 -21.86 18.09 10.09
CA LYS D 203 -20.59 18.45 9.44
C LYS D 203 -19.78 19.38 10.34
N LYS D 204 -19.58 18.99 11.59
CA LYS D 204 -18.85 19.82 12.53
C LYS D 204 -17.88 19.02 13.42
N LYS D 205 -16.61 19.44 13.41
CA LYS D 205 -15.55 18.79 14.19
C LYS D 205 -16.09 18.14 15.46
N ASP D 206 -16.29 16.84 15.41
CA ASP D 206 -16.80 16.08 16.55
C ASP D 206 -16.51 16.72 17.92
N SER D 207 -15.35 17.37 18.03
CA SER D 207 -14.87 18.07 19.22
C SER D 207 -13.76 17.33 19.98
N THR D 208 -12.84 18.10 20.55
CA THR D 208 -11.70 17.56 21.30
C THR D 208 -11.44 18.43 22.53
N GLY D 209 -10.28 18.24 23.13
CA GLY D 209 -9.89 19.03 24.29
C GLY D 209 -10.82 19.05 25.47
N ILE D 210 -10.29 19.48 26.61
CA ILE D 210 -11.04 19.55 27.85
C ILE D 210 -12.43 20.03 27.53
N CYS D 211 -13.42 19.44 28.19
CA CYS D 211 -14.80 19.81 27.94
C CYS D 211 -14.97 21.27 28.35
N PHE D 212 -15.64 22.03 27.49
CA PHE D 212 -15.88 23.45 27.71
C PHE D 212 -14.67 24.29 27.25
N ILE D 213 -13.47 23.78 27.52
CA ILE D 213 -12.27 24.49 27.11
C ILE D 213 -11.94 24.15 25.65
N GLY D 214 -11.22 25.06 24.97
CA GLY D 214 -10.86 24.84 23.57
C GLY D 214 -9.87 23.71 23.25
N GLU D 215 -9.96 23.19 22.04
CA GLU D 215 -9.10 22.10 21.58
C GLU D 215 -7.66 22.56 21.39
N ARG D 216 -7.28 23.62 22.08
CA ARG D 216 -5.93 24.16 21.96
C ARG D 216 -4.81 23.17 22.26
N LYS D 217 -3.58 23.58 21.97
CA LYS D 217 -2.37 22.78 22.17
C LYS D 217 -1.95 22.85 23.63
N PHE D 218 -1.96 21.70 24.30
CA PHE D 218 -1.65 21.63 25.72
C PHE D 218 -0.49 22.45 26.26
N ARG D 219 0.73 21.98 26.00
CA ARG D 219 1.91 22.67 26.49
C ARG D 219 1.74 24.17 26.69
N GLU D 220 1.10 24.85 25.73
CA GLU D 220 0.91 26.28 25.88
C GLU D 220 -0.22 26.58 26.86
N PHE D 221 -1.24 25.73 26.87
CA PHE D 221 -2.35 25.93 27.78
C PHE D 221 -1.94 25.65 29.21
N LEU D 222 -1.36 24.47 29.46
CA LEU D 222 -0.94 24.11 30.80
C LEU D 222 0.24 24.95 31.26
N GLY D 223 1.06 25.38 30.31
CA GLY D 223 2.21 26.20 30.64
C GLY D 223 1.80 27.65 30.83
N ARG D 224 0.56 27.84 31.22
CA ARG D 224 0.02 29.17 31.44
C ARG D 224 -0.80 29.13 32.73
N TYR D 225 -0.73 28.00 33.41
CA TYR D 225 -1.46 27.82 34.66
C TYR D 225 -0.54 27.23 35.72
N LEU D 226 0.70 26.97 35.32
CA LEU D 226 1.69 26.41 36.23
C LEU D 226 3.09 26.93 35.83
N PRO D 227 4.09 26.75 36.71
CA PRO D 227 5.47 27.21 36.44
C PRO D 227 6.14 26.53 35.24
N ALA D 228 7.48 26.55 35.22
CA ALA D 228 8.24 25.95 34.13
C ALA D 228 9.72 25.75 34.49
N GLN D 229 10.02 24.65 35.16
CA GLN D 229 11.38 24.34 35.59
C GLN D 229 11.92 23.09 34.93
N PRO D 230 12.94 23.24 34.06
CA PRO D 230 13.55 22.11 33.37
C PRO D 230 13.97 20.97 34.29
N GLY D 231 14.91 20.16 33.83
CA GLY D 231 15.38 19.04 34.63
C GLY D 231 16.23 18.07 33.83
N LYS D 232 16.32 16.83 34.30
CA LYS D 232 17.11 15.82 33.61
C LYS D 232 16.23 14.64 33.19
N ILE D 233 16.66 13.94 32.15
CA ILE D 233 15.94 12.79 31.66
C ILE D 233 16.88 11.60 31.77
N ILE D 234 16.41 10.54 32.41
CA ILE D 234 17.23 9.35 32.61
C ILE D 234 16.65 8.13 31.94
N THR D 235 17.53 7.23 31.54
CA THR D 235 17.13 5.97 30.94
C THR D 235 16.72 5.11 32.12
N VAL D 236 16.34 3.86 31.87
CA VAL D 236 15.97 2.98 32.96
C VAL D 236 17.27 2.46 33.53
N ASP D 237 18.37 2.89 32.92
CA ASP D 237 19.71 2.49 33.35
C ASP D 237 20.44 3.62 34.05
N GLY D 238 19.72 4.27 34.97
CA GLY D 238 20.26 5.38 35.74
C GLY D 238 21.28 6.26 35.06
N ASP D 239 21.16 6.46 33.76
CA ASP D 239 22.13 7.29 33.05
C ASP D 239 21.50 8.44 32.26
N GLU D 240 22.17 9.60 32.30
CA GLU D 240 21.69 10.77 31.58
C GLU D 240 21.35 10.39 30.16
N ILE D 241 20.53 11.21 29.52
CA ILE D 241 20.12 10.95 28.15
C ILE D 241 19.40 12.13 27.52
N GLY D 242 18.57 12.82 28.29
CA GLY D 242 17.85 13.95 27.75
C GLY D 242 17.53 15.08 28.69
N GLU D 243 17.18 16.24 28.13
CA GLU D 243 16.83 17.39 28.94
C GLU D 243 15.33 17.45 29.22
N HIS D 244 15.01 17.19 30.49
CA HIS D 244 13.68 17.15 31.06
C HIS D 244 12.82 18.43 30.97
N GLN D 245 13.32 19.47 30.32
CA GLN D 245 12.61 20.74 30.21
C GLN D 245 11.12 20.66 30.61
N GLY D 246 10.81 20.90 31.89
CA GLY D 246 9.45 20.81 32.39
C GLY D 246 9.24 19.44 33.00
N LEU D 247 8.02 19.05 33.34
CA LEU D 247 7.77 17.73 33.90
C LEU D 247 6.30 17.33 33.90
N MET D 248 5.44 18.28 34.25
CA MET D 248 3.99 18.05 34.27
C MET D 248 3.50 17.87 32.83
N TYR D 249 4.33 18.33 31.89
CA TYR D 249 4.03 18.26 30.46
C TYR D 249 4.10 16.86 29.89
N HIS D 250 4.42 15.89 30.74
CA HIS D 250 4.51 14.52 30.29
C HIS D 250 3.57 13.59 31.05
N THR D 251 3.65 12.31 30.73
CA THR D 251 2.81 11.30 31.34
C THR D 251 3.24 9.92 30.91
N LEU D 252 3.15 8.99 31.85
CA LEU D 252 3.53 7.61 31.59
C LEU D 252 3.03 7.13 30.26
N GLY D 253 3.95 6.62 29.45
CA GLY D 253 3.59 6.11 28.14
C GLY D 253 3.56 7.19 27.08
N GLN D 254 4.00 8.41 27.43
CA GLN D 254 4.00 9.48 26.44
C GLN D 254 5.22 9.25 25.56
N ARG D 255 5.13 9.67 24.31
CA ARG D 255 6.23 9.45 23.38
C ARG D 255 6.85 10.74 22.86
N LYS D 256 5.99 11.68 22.50
CA LYS D 256 6.49 12.93 21.95
C LYS D 256 7.14 13.87 22.95
N GLY D 257 7.91 14.81 22.41
CA GLY D 257 8.58 15.82 23.22
C GLY D 257 9.78 15.38 24.06
N LEU D 258 10.34 14.21 23.79
CA LEU D 258 11.48 13.81 24.59
C LEU D 258 12.84 13.89 23.88
N GLY D 259 12.92 14.77 22.88
CA GLY D 259 14.13 15.02 22.11
C GLY D 259 15.05 13.89 21.64
N ILE D 260 15.10 12.82 22.41
CA ILE D 260 15.94 11.66 22.11
C ILE D 260 15.98 11.28 20.63
N GLY D 261 17.17 10.96 20.13
CA GLY D 261 17.33 10.58 18.74
C GLY D 261 18.14 9.30 18.53
N GLY D 262 17.85 8.28 19.34
CA GLY D 262 18.54 6.99 19.25
C GLY D 262 20.05 7.06 19.33
N THR D 263 20.68 6.01 19.85
CA THR D 263 22.12 6.01 19.96
C THR D 263 22.81 4.65 19.98
N LYS D 264 24.01 4.62 19.40
CA LYS D 264 24.88 3.44 19.30
C LYS D 264 24.25 2.09 19.65
N GLU D 265 23.93 1.89 20.93
CA GLU D 265 23.36 0.64 21.39
C GLU D 265 21.87 0.73 21.71
N GLY D 266 21.10 1.22 20.73
CA GLY D 266 19.67 1.38 20.89
C GLY D 266 18.87 0.70 19.78
N THR D 267 17.90 -0.10 20.18
CA THR D 267 17.05 -0.85 19.26
C THR D 267 16.27 0.01 18.25
N GLU D 268 16.69 1.24 18.03
CA GLU D 268 16.01 2.13 17.10
C GLU D 268 14.55 2.39 17.49
N GLU D 269 14.06 1.69 18.50
CA GLU D 269 12.68 1.88 18.94
C GLU D 269 12.55 3.29 19.47
N PRO D 270 11.31 3.82 19.52
CA PRO D 270 11.14 5.18 20.04
C PRO D 270 11.20 5.09 21.55
N TRP D 271 11.48 6.20 22.22
CA TRP D 271 11.56 6.17 23.66
C TRP D 271 10.26 6.64 24.28
N TYR D 272 9.84 5.96 25.34
CA TYR D 272 8.61 6.32 26.05
C TYR D 272 8.86 6.58 27.54
N VAL D 273 8.02 7.40 28.15
CA VAL D 273 8.13 7.70 29.57
C VAL D 273 7.86 6.44 30.33
N VAL D 274 8.24 6.41 31.60
CA VAL D 274 8.03 5.24 32.41
C VAL D 274 7.76 5.59 33.87
N ASP D 275 8.22 6.76 34.29
CA ASP D 275 8.04 7.20 35.68
C ASP D 275 8.53 8.63 35.90
N LYS D 276 7.76 9.39 36.65
CA LYS D 276 8.14 10.76 36.97
C LYS D 276 8.74 10.68 38.37
N ASP D 277 9.84 11.40 38.61
CA ASP D 277 10.50 11.39 39.91
C ASP D 277 10.24 12.71 40.65
N VAL D 278 8.98 12.89 41.03
CA VAL D 278 8.50 14.08 41.74
C VAL D 278 9.55 15.06 42.23
N GLU D 279 10.26 14.72 43.31
CA GLU D 279 11.26 15.61 43.89
C GLU D 279 12.56 15.74 43.12
N ASN D 280 13.22 14.62 42.86
CA ASN D 280 14.48 14.66 42.12
C ASN D 280 14.25 15.25 40.73
N ASN D 281 13.00 15.63 40.47
CA ASN D 281 12.63 16.20 39.18
C ASN D 281 13.36 15.47 38.07
N ILE D 282 13.00 14.19 37.91
CA ILE D 282 13.59 13.34 36.89
C ILE D 282 12.52 12.95 35.88
N LEU D 283 12.95 12.28 34.82
CA LEU D 283 12.04 11.83 33.77
C LEU D 283 12.57 10.50 33.29
N VAL D 284 12.22 9.43 33.99
CA VAL D 284 12.67 8.11 33.62
C VAL D 284 12.03 7.57 32.33
N VAL D 285 12.81 7.55 31.25
CA VAL D 285 12.34 7.03 29.98
C VAL D 285 12.80 5.59 29.85
N ALA D 286 12.64 5.03 28.65
CA ALA D 286 13.04 3.67 28.37
C ALA D 286 13.06 3.49 26.85
N GLN D 287 12.44 2.43 26.35
CA GLN D 287 12.47 2.24 24.91
C GLN D 287 11.68 1.01 24.47
N GLY D 288 10.65 1.25 23.65
CA GLY D 288 9.84 0.14 23.15
C GLY D 288 8.43 0.16 23.66
N HIS D 289 7.46 0.18 22.76
CA HIS D 289 6.09 0.17 23.22
C HIS D 289 5.74 -1.22 23.70
N GLU D 290 6.42 -1.66 24.75
CA GLU D 290 6.18 -2.97 25.33
C GLU D 290 7.17 -3.22 26.45
N HIS D 291 8.14 -2.33 26.59
CA HIS D 291 9.15 -2.46 27.64
C HIS D 291 8.55 -2.73 29.01
N PRO D 292 9.13 -3.68 29.76
CA PRO D 292 8.66 -4.04 31.09
C PRO D 292 8.30 -2.89 32.03
N ARG D 293 9.06 -1.81 32.01
CA ARG D 293 8.72 -0.73 32.90
C ARG D 293 7.62 0.16 32.34
N LEU D 294 6.67 -0.47 31.66
CA LEU D 294 5.56 0.27 31.08
C LEU D 294 4.35 -0.64 31.09
N MET D 295 4.36 -1.60 31.99
CA MET D 295 3.26 -2.55 32.11
C MET D 295 2.96 -2.77 33.58
N SER D 296 1.81 -3.37 33.87
CA SER D 296 1.42 -3.66 35.25
C SER D 296 0.56 -4.92 35.26
N VAL D 297 0.25 -5.41 36.45
CA VAL D 297 -0.57 -6.60 36.58
C VAL D 297 -1.81 -6.24 37.36
N GLY D 298 -1.95 -4.95 37.65
CA GLY D 298 -3.10 -4.49 38.38
C GLY D 298 -2.86 -3.06 38.79
N LEU D 299 -3.61 -2.63 39.80
CA LEU D 299 -3.49 -1.27 40.31
C LEU D 299 -4.43 -1.18 41.46
N ILE D 300 -4.48 -0.01 42.06
CA ILE D 300 -5.38 0.21 43.16
C ILE D 300 -6.06 1.56 42.99
N ALA D 301 -7.40 1.51 42.98
CA ALA D 301 -8.21 2.70 42.80
C ALA D 301 -8.84 3.19 44.08
N GLN D 302 -8.87 4.52 44.22
CA GLN D 302 -9.45 5.15 45.39
C GLN D 302 -10.81 5.74 45.06
N GLN D 303 -11.02 7.01 45.41
CA GLN D 303 -12.28 7.72 45.17
C GLN D 303 -13.25 6.95 44.29
N LEU D 304 -13.80 5.87 44.84
CA LEU D 304 -14.72 5.03 44.09
C LEU D 304 -16.15 5.51 44.00
N HIS D 305 -16.80 5.19 42.89
CA HIS D 305 -18.19 5.55 42.64
C HIS D 305 -18.84 4.41 41.86
N TRP D 306 -19.90 3.85 42.40
CA TRP D 306 -20.60 2.80 41.69
C TRP D 306 -21.94 3.40 41.27
N VAL D 307 -22.26 3.33 39.98
CA VAL D 307 -23.53 3.85 39.50
C VAL D 307 -24.59 3.29 40.43
N ASP D 308 -24.38 2.04 40.82
CA ASP D 308 -25.24 1.31 41.72
C ASP D 308 -25.40 2.05 43.05
N ARG D 309 -24.33 2.72 43.47
CA ARG D 309 -24.28 3.47 44.72
C ARG D 309 -24.52 2.55 45.92
N GLU D 310 -24.01 1.32 45.80
CA GLU D 310 -24.12 0.32 46.85
C GLU D 310 -22.75 0.23 47.47
N PRO D 311 -22.66 -0.25 48.72
CA PRO D 311 -21.31 -0.35 49.32
C PRO D 311 -20.60 -1.56 48.72
N PHE D 312 -19.33 -1.40 48.40
CA PHE D 312 -18.56 -2.48 47.80
C PHE D 312 -17.63 -3.23 48.75
N THR D 313 -18.01 -4.47 49.06
CA THR D 313 -17.23 -5.36 49.92
C THR D 313 -17.10 -6.72 49.26
N GLY D 314 -15.95 -7.35 49.42
CA GLY D 314 -15.77 -8.66 48.84
C GLY D 314 -14.94 -8.70 47.57
N THR D 315 -15.24 -9.68 46.71
CA THR D 315 -14.51 -9.85 45.46
C THR D 315 -15.39 -9.91 44.22
N MET D 316 -14.99 -9.15 43.20
CA MET D 316 -15.72 -9.07 41.95
C MET D 316 -14.91 -9.66 40.81
N ARG D 317 -15.58 -9.90 39.68
CA ARG D 317 -14.95 -10.47 38.51
C ARG D 317 -15.49 -9.81 37.24
N CYS D 318 -14.85 -8.75 36.78
CA CYS D 318 -15.29 -8.06 35.57
C CYS D 318 -14.17 -7.64 34.60
N THR D 319 -14.40 -6.54 33.89
CA THR D 319 -13.43 -6.02 32.94
C THR D 319 -13.17 -4.58 33.38
N VAL D 320 -12.14 -3.94 32.82
CA VAL D 320 -11.84 -2.56 33.21
C VAL D 320 -10.94 -1.81 32.24
N LYS D 321 -11.28 -0.54 32.03
CA LYS D 321 -10.49 0.33 31.16
C LYS D 321 -9.61 1.17 32.09
N THR D 322 -8.56 1.78 31.55
CA THR D 322 -7.67 2.57 32.38
C THR D 322 -7.21 3.78 31.63
N ARG D 323 -8.08 4.22 30.74
CA ARG D 323 -7.85 5.40 29.93
C ARG D 323 -9.02 5.31 29.00
N TYR D 324 -9.50 6.45 28.54
CA TYR D 324 -10.65 6.44 27.66
C TYR D 324 -10.35 5.56 26.47
N ARG D 325 -11.40 5.19 25.75
CA ARG D 325 -11.29 4.38 24.56
C ARG D 325 -10.13 3.38 24.60
N GLN D 326 -9.93 2.70 25.73
CA GLN D 326 -8.89 1.68 25.81
C GLN D 326 -9.56 0.43 25.26
N THR D 327 -9.63 -0.64 26.05
CA THR D 327 -10.26 -1.87 25.57
C THR D 327 -10.52 -2.88 26.67
N ASP D 328 -11.81 -3.07 26.97
CA ASP D 328 -12.22 -4.02 28.00
C ASP D 328 -11.21 -5.12 28.29
N ILE D 329 -10.38 -4.91 29.29
CA ILE D 329 -9.40 -5.92 29.65
C ILE D 329 -9.77 -6.61 30.97
N PRO D 330 -10.17 -7.88 30.88
CA PRO D 330 -10.57 -8.73 32.01
C PRO D 330 -9.80 -8.42 33.26
N CYS D 331 -10.41 -8.68 34.41
CA CYS D 331 -9.78 -8.43 35.70
C CYS D 331 -10.60 -8.95 36.87
N THR D 332 -9.96 -9.03 38.03
CA THR D 332 -10.62 -9.49 39.23
C THR D 332 -10.47 -8.38 40.25
N VAL D 333 -11.57 -8.06 40.95
CA VAL D 333 -11.52 -7.00 41.93
C VAL D 333 -11.79 -7.50 43.32
N LYS D 334 -11.09 -6.92 44.29
CA LYS D 334 -11.26 -7.27 45.68
C LYS D 334 -11.13 -5.98 46.48
N ALA D 335 -12.00 -5.83 47.47
CA ALA D 335 -12.00 -4.63 48.31
C ALA D 335 -10.75 -4.58 49.17
N LEU D 336 -10.05 -3.46 49.12
CA LEU D 336 -8.82 -3.31 49.90
C LEU D 336 -9.04 -2.31 51.03
N ASP D 337 -10.27 -1.86 51.18
CA ASP D 337 -10.61 -0.89 52.22
C ASP D 337 -12.07 -0.48 52.02
N ASP D 338 -12.42 0.73 52.45
CA ASP D 338 -13.80 1.20 52.27
C ASP D 338 -13.81 2.24 51.16
N ASP D 339 -12.63 2.49 50.57
CA ASP D 339 -12.50 3.44 49.48
C ASP D 339 -11.54 2.95 48.41
N ARG D 340 -10.57 2.11 48.78
CA ARG D 340 -9.61 1.61 47.80
C ARG D 340 -9.94 0.22 47.30
N ILE D 341 -9.48 -0.10 46.09
CA ILE D 341 -9.70 -1.42 45.50
C ILE D 341 -8.43 -1.97 44.88
N GLU D 342 -8.30 -3.28 44.88
CA GLU D 342 -7.15 -3.96 44.29
C GLU D 342 -7.68 -4.82 43.16
N VAL D 343 -7.33 -4.45 41.93
CA VAL D 343 -7.76 -5.20 40.76
C VAL D 343 -6.55 -5.96 40.22
N ILE D 344 -6.79 -7.07 39.56
CA ILE D 344 -5.66 -7.81 39.05
C ILE D 344 -5.77 -8.18 37.60
N PHE D 345 -5.15 -7.35 36.75
CA PHE D 345 -5.12 -7.54 35.30
C PHE D 345 -4.86 -8.99 34.87
N ASP D 346 -5.83 -9.56 34.14
CA ASP D 346 -5.74 -10.93 33.64
C ASP D 346 -4.51 -11.09 32.76
N GLU D 347 -3.91 -9.96 32.40
CA GLU D 347 -2.71 -9.91 31.56
C GLU D 347 -2.13 -8.54 31.80
N PRO D 348 -0.80 -8.40 31.67
CA PRO D 348 -0.18 -7.10 31.89
C PRO D 348 -0.88 -5.99 31.12
N VAL D 349 -1.00 -4.82 31.74
CA VAL D 349 -1.64 -3.66 31.13
C VAL D 349 -0.59 -2.59 30.90
N ALA D 350 -0.66 -1.96 29.72
CA ALA D 350 0.28 -0.93 29.32
C ALA D 350 0.08 0.48 29.87
N ALA D 351 1.10 0.98 30.57
CA ALA D 351 1.06 2.34 31.09
C ALA D 351 -0.15 2.70 31.96
N VAL D 352 -0.38 1.95 33.02
CA VAL D 352 -1.48 2.28 33.89
C VAL D 352 -1.03 3.56 34.55
N THR D 353 -1.62 4.68 34.16
CA THR D 353 -1.23 5.95 34.75
C THR D 353 -2.05 6.29 35.98
N PRO D 354 -1.41 6.84 37.02
CA PRO D 354 -2.09 7.22 38.26
C PRO D 354 -2.71 8.59 38.05
N GLY D 355 -3.97 8.74 38.47
CA GLY D 355 -4.65 10.01 38.29
C GLY D 355 -5.78 9.84 37.30
N GLN D 356 -5.57 8.99 36.30
CA GLN D 356 -6.61 8.71 35.32
C GLN D 356 -7.65 7.85 36.02
N SER D 357 -8.84 7.76 35.45
CA SER D 357 -9.88 6.95 36.07
C SER D 357 -9.88 5.51 35.55
N ALA D 358 -10.41 4.59 36.36
CA ALA D 358 -10.47 3.20 35.96
C ALA D 358 -11.93 2.77 36.05
N VAL D 359 -12.59 2.70 34.89
CA VAL D 359 -14.00 2.29 34.78
C VAL D 359 -14.17 0.79 34.60
N PHE D 360 -14.96 0.16 35.46
CA PHE D 360 -15.18 -1.27 35.36
C PHE D 360 -16.54 -1.56 34.73
N TYR D 361 -16.61 -2.58 33.89
CA TYR D 361 -17.85 -2.94 33.23
C TYR D 361 -18.22 -4.37 33.51
N ASN D 362 -19.52 -4.65 33.56
CA ASN D 362 -20.00 -5.99 33.79
C ASN D 362 -20.77 -6.40 32.54
N GLY D 363 -20.18 -6.07 31.40
CA GLY D 363 -20.82 -6.38 30.15
C GLY D 363 -21.39 -5.11 29.57
N GLU D 364 -22.62 -5.20 29.10
CA GLU D 364 -23.30 -4.05 28.50
C GLU D 364 -23.29 -2.87 29.48
N VAL D 365 -23.38 -3.21 30.77
CA VAL D 365 -23.40 -2.27 31.87
C VAL D 365 -22.06 -1.67 32.28
N CYS D 366 -22.12 -0.43 32.76
CA CYS D 366 -20.93 0.23 33.26
C CYS D 366 -21.20 0.40 34.73
N LEU D 367 -20.44 -0.29 35.56
CA LEU D 367 -20.63 -0.22 37.00
C LEU D 367 -20.08 1.04 37.64
N GLY D 368 -19.33 1.84 36.89
CA GLY D 368 -18.75 3.05 37.46
C GLY D 368 -17.32 2.71 37.84
N GLY D 369 -16.44 3.69 37.89
CA GLY D 369 -15.06 3.37 38.20
C GLY D 369 -14.51 3.97 39.48
N GLY D 370 -13.34 4.58 39.34
CA GLY D 370 -12.66 5.21 40.47
C GLY D 370 -11.30 5.74 40.06
N ILE D 371 -10.67 6.54 40.93
CA ILE D 371 -9.35 7.10 40.63
C ILE D 371 -8.16 6.22 41.01
N ILE D 372 -7.27 6.06 40.03
CA ILE D 372 -6.06 5.27 40.17
C ILE D 372 -5.00 6.07 40.91
N GLU D 373 -4.33 5.43 41.86
CA GLU D 373 -3.27 6.12 42.59
C GLU D 373 -2.09 5.19 42.75
N GLN D 374 -2.30 3.93 42.40
CA GLN D 374 -1.23 2.96 42.51
C GLN D 374 -1.32 1.87 41.46
N ARG D 375 -0.24 1.72 40.70
CA ARG D 375 -0.13 0.71 39.66
C ARG D 375 0.31 -0.58 40.34
N LEU D 376 0.65 -1.58 39.54
CA LEU D 376 1.12 -2.82 40.13
C LEU D 376 2.26 -3.36 39.31
N PRO D 377 3.45 -2.78 39.52
CA PRO D 377 4.73 -3.09 38.86
C PRO D 377 4.85 -4.52 38.37
N LEU D 378 5.43 -4.66 37.19
CA LEU D 378 5.64 -5.96 36.59
C LEU D 378 6.80 -6.63 37.33
N PRO D 379 6.68 -7.94 37.62
CA PRO D 379 7.75 -8.65 38.33
C PRO D 379 9.08 -8.59 37.57
N VAL D 380 10.00 -7.77 38.06
CA VAL D 380 11.34 -7.58 37.47
C VAL D 380 11.36 -7.42 35.94
#